data_2GNU
#
_entry.id   2GNU
#
_cell.length_a   100.422
_cell.length_b   100.422
_cell.length_c   235.412
_cell.angle_alpha   90.00
_cell.angle_beta   90.00
_cell.angle_gamma   90.00
#
_symmetry.space_group_name_H-M   'P 42 21 2'
#
loop_
_entity.id
_entity.type
_entity.pdbx_description
1 polymer 'Reaction center protein H chain'
2 polymer 'Reaction center protein L chain'
3 polymer 'Reaction center protein M chain'
4 non-polymer 'LAURYL DIMETHYLAMINE-N-OXIDE'
5 non-polymer 'BACTERIOCHLOROPHYLL A'
6 non-polymer UBIQUINONE-10
7 non-polymer 'FE (II) ION'
8 non-polymer 'CHLORIDE ION'
9 non-polymer 'BACTERIOPHEOPHYTIN A'
10 non-polymer CARDIOLIPIN
11 water water
#
loop_
_entity_poly.entity_id
_entity_poly.type
_entity_poly.pdbx_seq_one_letter_code
_entity_poly.pdbx_strand_id
1 'polypeptide(L)'
;DLASLAIYSFWIFLAGLIYYLQTENMREGYPLENEDGTPAANQGPFPLPKPKTFILPHGRGTLTVPGPESEDRPIALART
AVSEGFPHAPTGDPMKDGVGPASWVARRDLPELDGHGHNKIKPMKAAAGFHVSAGKNPIGLPVRGCDLEIAGKVVDIWVD
IPEQMARFLEVELKDGSTRLLPMQMVKVQSNRVHVNALSSDLFAGIPTIKSPTEVTLLEEDKICGYVAGGLMYAA
;
H
2 'polypeptide(L)'
;ALLSFERKYRVPGGTLVGGNLFDFWVGPFYVGFFGVATFFFAALGIILIAWSAVLQGTWNPQLISVYPPALEYGLGGAPL
AKGGLWQIITICATGAFVSWALREVEICRKLGIGYHIPFAFAFAILAYLTLVLFRPVMMGAWGYAFPYGIWTHLDWVSNT
GYTYGNFHYNPAHMIAISFFFTNALALALHGALVLSAANPEKGKEMRTPDHEDTFFRDLVGYSIGTLGIHRLGLLLSLSA
VFFSALCMIITGTIWFDQWVDWWQWWVKLPWWANIPGGING
;
L
3 'polypeptide(L)'
;EYQNIFSQVQVRGPADLGMTEDVNLANRSGVGPFSTLLGWFGNAQLGPIYLGSLGVLSLFSGLMWFFTIGIWFWYQAGWN
PAVFLRDLFFFSLEPPAPEYGLSFAAPLKEGGLWLIASFFMFVAVWSWWGRTYLRAQALGMGKHTAWAFLSAIWLWMVLG
FIRPILMGSWSEAVPYGIFSHLDWTNNFSLVHGNLFYNPFHGLSIAFLYGSALLFAMHGATILAVSRFGGERELEQIADR
GTAAERAALFWRWTMGFNATMEGIHRWAIWMAVLVTLTGGIGILLSGTVVDNWYVWGQNH
;
M
#
loop_
_chem_comp.id
_chem_comp.type
_chem_comp.name
_chem_comp.formula
BCL non-polymer 'BACTERIOCHLOROPHYLL A' 'C55 H74 Mg N4 O6'
BPH non-polymer 'BACTERIOPHEOPHYTIN A' 'C55 H76 N4 O6'
CDL non-polymer CARDIOLIPIN 'C81 H156 O17 P2 -2'
CL non-polymer 'CHLORIDE ION' 'Cl -1'
FE2 non-polymer 'FE (II) ION' 'Fe 2'
LDA non-polymer 'LAURYL DIMETHYLAMINE-N-OXIDE' 'C14 H31 N O'
U10 non-polymer UBIQUINONE-10 'C59 H90 O4'
#
# COMPACT_ATOMS: atom_id res chain seq x y z
N ASP A 1 -0.32 -30.35 -21.87
CA ASP A 1 0.77 -29.32 -22.10
C ASP A 1 1.28 -28.67 -20.74
N LEU A 2 2.58 -28.51 -20.51
CA LEU A 2 3.06 -28.04 -19.19
C LEU A 2 2.63 -26.59 -18.83
N ALA A 3 2.61 -25.68 -19.80
CA ALA A 3 2.07 -24.35 -19.50
C ALA A 3 0.62 -24.47 -19.05
N SER A 4 -0.17 -25.28 -19.77
CA SER A 4 -1.58 -25.53 -19.45
C SER A 4 -1.78 -26.11 -18.06
N LEU A 5 -0.94 -27.08 -17.69
CA LEU A 5 -1.00 -27.69 -16.35
C LEU A 5 -0.63 -26.67 -15.27
N ALA A 6 0.36 -25.83 -15.56
CA ALA A 6 0.84 -24.83 -14.59
C ALA A 6 -0.28 -23.80 -14.28
N ILE A 7 -0.90 -23.23 -15.31
CA ILE A 7 -1.96 -22.21 -15.09
C ILE A 7 -3.19 -22.79 -14.41
N TYR A 8 -3.52 -24.02 -14.74
CA TYR A 8 -4.60 -24.72 -14.07
C TYR A 8 -4.28 -25.02 -12.59
N SER A 9 -3.07 -25.50 -12.32
CA SER A 9 -2.60 -25.68 -10.94
C SER A 9 -2.58 -24.35 -10.16
N PHE A 10 -2.01 -23.32 -10.80
CA PHE A 10 -1.94 -22.03 -10.14
C PHE A 10 -3.30 -21.53 -9.73
N TRP A 11 -4.29 -21.66 -10.60
CA TRP A 11 -5.67 -21.30 -10.22
C TRP A 11 -6.21 -22.13 -9.05
N ILE A 12 -5.86 -23.41 -8.95
CA ILE A 12 -6.28 -24.24 -7.79
C ILE A 12 -5.67 -23.71 -6.47
N PHE A 13 -4.38 -23.42 -6.54
CA PHE A 13 -3.66 -22.82 -5.41
C PHE A 13 -4.26 -21.45 -4.98
N LEU A 14 -4.54 -20.58 -5.94
CA LEU A 14 -5.09 -19.27 -5.64
C LEU A 14 -6.46 -19.36 -4.94
N ALA A 15 -7.35 -20.28 -5.39
CA ALA A 15 -8.60 -20.59 -4.66
C ALA A 15 -8.28 -21.00 -3.20
N GLY A 16 -7.33 -21.90 -3.05
CA GLY A 16 -6.84 -22.30 -1.74
C GLY A 16 -6.35 -21.13 -0.89
N LEU A 17 -5.58 -20.26 -1.52
CA LEU A 17 -4.93 -19.12 -0.85
C LEU A 17 -5.92 -18.13 -0.38
N ILE A 18 -6.92 -17.84 -1.22
CA ILE A 18 -8.01 -16.93 -0.87
C ILE A 18 -8.88 -17.41 0.33
N TYR A 19 -9.17 -18.68 0.32
CA TYR A 19 -9.92 -19.31 1.35
C TYR A 19 -9.16 -19.30 2.67
N TYR A 20 -7.89 -19.66 2.64
CA TYR A 20 -7.02 -19.49 3.79
C TYR A 20 -6.97 -18.04 4.33
N LEU A 21 -6.73 -17.09 3.41
CA LEU A 21 -6.71 -15.65 3.73
C LEU A 21 -8.03 -15.13 4.34
N GLN A 22 -9.18 -15.51 3.77
CA GLN A 22 -10.45 -15.14 4.37
C GLN A 22 -10.61 -15.68 5.78
N THR A 23 -10.27 -16.96 6.01
CA THR A 23 -10.40 -17.52 7.38
C THR A 23 -9.47 -16.86 8.39
N GLU A 24 -8.23 -16.54 7.99
CA GLU A 24 -7.31 -15.75 8.84
C GLU A 24 -7.93 -14.42 9.28
N ASN A 25 -8.66 -13.80 8.36
CA ASN A 25 -9.30 -12.50 8.53
C ASN A 25 -10.63 -12.54 9.32
N MET A 26 -10.93 -13.72 9.85
CA MET A 26 -12.14 -13.97 10.67
C MET A 26 -11.77 -14.27 12.12
N ARG A 27 -10.56 -13.92 12.53
CA ARG A 27 -10.09 -14.19 13.87
C ARG A 27 -10.62 -13.20 14.86
N GLU A 28 -11.15 -12.09 14.40
CA GLU A 28 -11.83 -11.11 15.26
C GLU A 28 -13.23 -10.82 14.68
N GLY A 29 -14.21 -10.68 15.54
CA GLY A 29 -15.50 -10.26 15.05
C GLY A 29 -16.51 -11.35 14.70
N TYR A 30 -16.04 -12.58 14.48
CA TYR A 30 -16.87 -13.74 14.10
C TYR A 30 -16.96 -14.71 15.28
N PRO A 31 -18.06 -15.51 15.37
CA PRO A 31 -19.20 -15.60 14.43
C PRO A 31 -20.01 -14.29 14.33
N LEU A 32 -20.58 -14.06 13.15
CA LEU A 32 -21.52 -12.96 12.93
C LEU A 32 -22.71 -13.10 13.91
N GLU A 33 -23.37 -11.99 14.24
CA GLU A 33 -24.46 -12.00 15.22
C GLU A 33 -25.67 -11.28 14.61
N ASN A 34 -26.87 -11.64 15.09
CA ASN A 34 -28.04 -10.87 14.77
C ASN A 34 -27.91 -9.62 15.59
N GLU A 35 -28.79 -8.66 15.32
CA GLU A 35 -28.76 -7.35 16.02
C GLU A 35 -29.11 -7.42 17.49
N ASP A 36 -29.79 -8.49 17.90
CA ASP A 36 -29.94 -8.77 19.32
C ASP A 36 -28.75 -9.51 19.96
N GLY A 37 -27.65 -9.72 19.24
CA GLY A 37 -26.47 -10.26 19.89
C GLY A 37 -26.37 -11.77 19.90
N THR A 38 -27.44 -12.45 19.46
CA THR A 38 -27.44 -13.91 19.26
C THR A 38 -26.71 -14.27 17.94
N PRO A 39 -26.14 -15.48 17.85
CA PRO A 39 -25.43 -15.74 16.60
C PRO A 39 -26.36 -15.84 15.39
N ALA A 40 -25.81 -15.51 14.22
CA ALA A 40 -26.53 -15.52 12.95
C ALA A 40 -26.50 -16.89 12.36
N ALA A 41 -27.64 -17.25 11.75
CA ALA A 41 -27.80 -18.50 11.04
C ALA A 41 -26.73 -18.53 9.95
N ASN A 42 -26.77 -17.53 9.06
CA ASN A 42 -25.80 -17.43 7.98
C ASN A 42 -24.49 -16.76 8.42
N GLN A 43 -23.41 -17.49 8.19
CA GLN A 43 -22.04 -17.10 8.56
C GLN A 43 -21.10 -16.97 7.33
N GLY A 44 -21.68 -17.05 6.13
CA GLY A 44 -20.88 -17.06 4.90
C GLY A 44 -20.35 -18.45 4.52
N PRO A 45 -19.66 -18.55 3.36
CA PRO A 45 -19.15 -19.85 2.93
C PRO A 45 -17.81 -20.27 3.53
N PHE A 46 -17.16 -19.42 4.36
CA PHE A 46 -15.84 -19.75 4.94
C PHE A 46 -15.96 -20.15 6.43
N PRO A 47 -15.28 -21.24 6.86
CA PRO A 47 -15.34 -21.68 8.26
C PRO A 47 -14.59 -20.72 9.19
N LEU A 48 -15.01 -20.64 10.45
CA LEU A 48 -14.23 -19.91 11.44
C LEU A 48 -12.83 -20.60 11.52
N PRO A 49 -11.75 -19.81 11.63
CA PRO A 49 -10.39 -20.35 11.75
C PRO A 49 -10.15 -21.05 13.09
N LYS A 50 -9.30 -22.07 13.09
CA LYS A 50 -8.93 -22.70 14.35
C LYS A 50 -8.08 -21.74 15.23
N PRO A 51 -8.32 -21.73 16.55
CA PRO A 51 -7.64 -20.73 17.39
C PRO A 51 -6.10 -20.77 17.30
N LYS A 52 -5.50 -19.60 17.51
CA LYS A 52 -4.06 -19.32 17.53
C LYS A 52 -3.81 -18.50 18.78
N THR A 53 -2.63 -18.58 19.32
CA THR A 53 -2.32 -17.88 20.55
C THR A 53 -1.12 -16.98 20.28
N PHE A 54 -1.11 -15.79 20.88
CA PHE A 54 0.06 -14.93 20.90
C PHE A 54 0.57 -14.90 22.33
N ILE A 55 1.87 -15.05 22.57
CA ILE A 55 2.38 -14.84 23.91
C ILE A 55 2.80 -13.38 24.10
N LEU A 56 2.09 -12.62 24.93
CA LEU A 56 2.40 -11.20 25.07
C LEU A 56 3.67 -10.98 25.88
N PRO A 57 4.50 -9.99 25.48
CA PRO A 57 5.73 -9.77 26.24
C PRO A 57 5.47 -9.09 27.62
N HIS A 58 6.46 -9.17 28.51
CA HIS A 58 6.48 -8.38 29.72
C HIS A 58 5.47 -8.90 30.74
N GLY A 59 5.22 -10.20 30.69
CA GLY A 59 4.30 -10.87 31.62
C GLY A 59 2.82 -10.55 31.41
N ARG A 60 2.46 -10.07 30.21
CA ARG A 60 1.12 -9.52 30.03
C ARG A 60 0.11 -10.60 29.67
N GLY A 61 0.51 -11.86 29.69
CA GLY A 61 -0.41 -12.99 29.38
C GLY A 61 -0.39 -13.49 27.93
N THR A 62 -1.49 -14.10 27.48
CA THR A 62 -1.58 -14.58 26.12
C THR A 62 -2.95 -14.22 25.56
N LEU A 63 -3.05 -14.05 24.25
CA LEU A 63 -4.31 -13.82 23.58
C LEU A 63 -4.57 -15.00 22.68
N THR A 64 -5.79 -15.54 22.70
CA THR A 64 -6.21 -16.63 21.79
C THR A 64 -7.37 -16.12 20.95
N VAL A 65 -7.26 -16.25 19.63
CA VAL A 65 -8.26 -15.72 18.69
C VAL A 65 -8.44 -16.75 17.59
N PRO A 66 -9.69 -17.05 17.20
CA PRO A 66 -10.91 -16.55 17.83
C PRO A 66 -11.12 -17.13 19.22
N GLY A 67 -11.99 -16.50 19.98
CA GLY A 67 -12.34 -16.99 21.30
C GLY A 67 -13.61 -16.30 21.77
N PRO A 68 -14.18 -16.78 22.89
CA PRO A 68 -15.47 -16.16 23.31
C PRO A 68 -15.28 -14.65 23.45
N GLU A 69 -16.14 -13.90 22.79
CA GLU A 69 -15.99 -12.45 22.74
C GLU A 69 -17.11 -11.72 23.47
N SER A 70 -16.77 -10.56 23.98
CA SER A 70 -17.67 -9.82 24.80
C SER A 70 -17.26 -8.36 24.66
N GLU A 71 -18.20 -7.48 24.37
CA GLU A 71 -18.03 -6.12 24.86
C GLU A 71 -18.17 -6.38 26.39
N ASP A 72 -17.13 -6.06 27.17
CA ASP A 72 -17.39 -5.84 28.60
C ASP A 72 -17.40 -4.36 28.81
N ARG A 73 -18.51 -3.79 28.32
CA ARG A 73 -19.01 -2.44 28.60
C ARG A 73 -20.48 -2.44 28.18
N PRO A 74 -21.32 -1.64 28.87
CA PRO A 74 -22.71 -1.57 28.40
C PRO A 74 -22.84 -0.59 27.21
N ILE A 75 -23.73 -0.89 26.27
CA ILE A 75 -23.83 -0.09 25.04
C ILE A 75 -25.20 0.63 25.03
N ALA A 76 -25.14 1.98 25.11
CA ALA A 76 -26.33 2.83 25.31
C ALA A 76 -27.02 3.18 24.00
N LEU A 77 -27.54 2.15 23.33
CA LEU A 77 -28.23 2.29 22.07
C LEU A 77 -29.47 1.48 22.16
N ALA A 78 -30.47 1.80 21.34
CA ALA A 78 -31.65 0.95 21.22
C ALA A 78 -31.93 0.71 19.76
N ARG A 79 -32.39 -0.49 19.45
CA ARG A 79 -32.87 -0.84 18.11
C ARG A 79 -33.94 0.16 17.52
N THR A 80 -33.92 0.35 16.20
CA THR A 80 -34.74 1.39 15.51
C THR A 80 -35.86 0.77 14.65
N ALA A 81 -35.82 -0.56 14.47
CA ALA A 81 -36.77 -1.29 13.65
C ALA A 81 -36.81 -2.74 14.09
N VAL A 82 -37.97 -3.37 13.86
CA VAL A 82 -38.20 -4.81 14.17
C VAL A 82 -37.27 -5.65 13.31
N SER A 83 -37.17 -5.28 12.04
CA SER A 83 -36.32 -5.96 11.08
C SER A 83 -34.89 -5.38 11.05
N GLU A 84 -33.97 -6.14 10.48
CA GLU A 84 -32.54 -5.81 10.52
C GLU A 84 -32.14 -4.77 9.47
N GLY A 85 -31.00 -4.08 9.64
CA GLY A 85 -30.49 -3.13 8.65
C GLY A 85 -30.65 -1.65 8.97
N PHE A 86 -31.36 -1.33 10.05
CA PHE A 86 -31.59 0.04 10.46
C PHE A 86 -30.66 0.51 11.62
N PRO A 87 -30.45 1.83 11.72
CA PRO A 87 -29.59 2.37 12.76
C PRO A 87 -30.13 2.12 14.15
N HIS A 88 -29.21 2.03 15.11
CA HIS A 88 -29.56 1.92 16.48
C HIS A 88 -29.21 3.26 17.04
N ALA A 89 -30.18 3.89 17.70
CA ALA A 89 -30.06 5.25 18.12
C ALA A 89 -29.63 5.32 19.58
N PRO A 90 -28.69 6.25 19.88
CA PRO A 90 -28.19 6.49 21.21
C PRO A 90 -29.34 6.76 22.13
N THR A 91 -29.28 6.22 23.33
CA THR A 91 -30.37 6.39 24.25
C THR A 91 -30.06 7.55 25.14
N GLY A 92 -28.76 7.83 25.29
CA GLY A 92 -28.23 8.84 26.18
C GLY A 92 -27.43 9.93 25.49
N ASP A 93 -26.35 10.33 26.12
CA ASP A 93 -25.42 11.30 25.54
C ASP A 93 -24.36 10.46 24.81
N PRO A 94 -24.39 10.42 23.46
CA PRO A 94 -23.55 9.43 22.78
C PRO A 94 -22.03 9.69 23.01
N MET A 95 -21.67 10.95 23.22
CA MET A 95 -20.30 11.27 23.61
C MET A 95 -19.89 10.83 25.02
N LYS A 96 -20.73 11.02 26.06
CA LYS A 96 -20.40 10.52 27.38
C LYS A 96 -20.49 8.98 27.37
N ASP A 97 -21.45 8.43 26.63
CA ASP A 97 -21.71 6.98 26.62
C ASP A 97 -20.76 6.13 25.74
N GLY A 98 -20.06 6.78 24.81
CA GLY A 98 -19.04 6.09 24.04
C GLY A 98 -19.68 5.20 22.99
N VAL A 99 -20.63 5.76 22.20
CA VAL A 99 -21.29 5.05 21.09
C VAL A 99 -21.12 5.81 19.78
N GLY A 100 -21.47 5.18 18.67
CA GLY A 100 -21.34 5.79 17.37
C GLY A 100 -19.88 6.13 17.15
N PRO A 101 -19.62 7.29 16.51
CA PRO A 101 -18.25 7.67 16.32
C PRO A 101 -17.53 8.15 17.60
N ALA A 102 -18.22 8.18 18.75
CA ALA A 102 -17.58 8.37 20.04
C ALA A 102 -17.14 7.03 20.67
N SER A 103 -17.26 5.91 19.96
CA SER A 103 -17.05 4.57 20.54
C SER A 103 -15.62 4.37 20.98
N TRP A 104 -15.48 3.58 22.03
CA TRP A 104 -14.17 3.18 22.53
C TRP A 104 -14.26 1.70 22.78
N VAL A 105 -13.12 1.01 22.73
CA VAL A 105 -13.11 -0.42 23.04
C VAL A 105 -12.55 -0.66 24.44
N ALA A 106 -13.06 -1.66 25.16
CA ALA A 106 -12.54 -2.00 26.48
C ALA A 106 -11.18 -2.72 26.34
N ARG A 107 -10.13 -1.99 25.96
CA ARG A 107 -8.74 -2.48 25.89
C ARG A 107 -8.19 -2.61 27.32
N ARG A 108 -7.03 -3.25 27.48
CA ARG A 108 -6.55 -3.43 28.83
C ARG A 108 -6.23 -2.08 29.46
N ASP A 109 -6.56 -1.95 30.74
CA ASP A 109 -6.30 -0.70 31.45
C ASP A 109 -4.84 -0.73 31.93
N LEU A 110 -3.91 -0.84 30.99
CA LEU A 110 -2.46 -0.90 31.23
C LEU A 110 -1.88 -0.14 30.07
N PRO A 111 -0.79 0.57 30.31
CA PRO A 111 -0.13 1.33 29.24
C PRO A 111 0.55 0.36 28.21
N GLU A 112 0.62 0.74 26.93
CA GLU A 112 1.44 0.01 25.95
C GLU A 112 2.91 0.12 26.40
N LEU A 113 3.63 -1.00 26.45
CA LEU A 113 5.07 -1.00 26.80
C LEU A 113 5.95 -1.02 25.54
N ASP A 114 7.10 -0.34 25.55
CA ASP A 114 8.09 -0.53 24.48
C ASP A 114 8.81 -1.88 24.61
N GLY A 115 9.83 -2.11 23.75
CA GLY A 115 10.62 -3.34 23.75
C GLY A 115 11.32 -3.67 25.08
N HIS A 116 11.73 -2.64 25.82
CA HIS A 116 12.36 -2.84 27.12
C HIS A 116 11.37 -2.99 28.27
N GLY A 117 10.11 -2.59 28.08
CA GLY A 117 9.09 -2.79 29.09
C GLY A 117 8.72 -1.51 29.84
N HIS A 118 9.18 -0.38 29.29
CA HIS A 118 8.92 0.98 29.76
C HIS A 118 7.69 1.55 29.02
N ASN A 119 6.98 2.48 29.64
CA ASN A 119 5.76 2.98 29.03
C ASN A 119 6.20 3.55 27.74
N LYS A 120 5.43 3.25 26.70
CA LYS A 120 5.77 3.68 25.36
C LYS A 120 5.45 5.17 25.13
N ILE A 121 4.41 5.65 25.83
CA ILE A 121 4.01 7.07 25.71
C ILE A 121 4.20 7.81 27.03
N LYS A 122 4.99 8.87 26.99
CA LYS A 122 5.34 9.61 28.24
C LYS A 122 5.28 11.10 27.86
N PRO A 123 4.85 12.00 28.79
CA PRO A 123 4.90 13.48 28.47
C PRO A 123 6.36 14.00 28.33
N MET A 124 6.67 14.99 27.47
CA MET A 124 8.09 15.45 27.38
C MET A 124 8.77 15.65 28.76
N LYS A 125 8.02 16.21 29.71
CA LYS A 125 8.43 16.41 31.13
C LYS A 125 8.92 15.15 31.86
N ALA A 126 8.77 13.98 31.26
CA ALA A 126 9.15 12.75 31.94
C ALA A 126 10.08 11.91 31.06
N ALA A 127 10.48 12.51 29.94
CA ALA A 127 11.27 11.84 28.90
C ALA A 127 12.50 12.67 28.46
N ALA A 128 13.61 12.40 29.13
CA ALA A 128 14.92 13.06 28.88
C ALA A 128 15.31 13.23 27.42
N GLY A 129 15.63 14.45 27.03
CA GLY A 129 16.22 14.70 25.73
C GLY A 129 15.23 15.29 24.74
N PHE A 130 13.96 14.87 24.89
CA PHE A 130 12.94 15.10 23.85
C PHE A 130 12.61 16.59 23.70
N HIS A 131 12.31 17.05 22.50
CA HIS A 131 12.08 18.48 22.28
C HIS A 131 11.54 18.73 20.88
N VAL A 132 10.80 19.80 20.71
CA VAL A 132 10.40 20.18 19.38
C VAL A 132 11.66 20.48 18.58
N SER A 133 11.91 19.69 17.53
CA SER A 133 13.13 19.81 16.74
C SER A 133 12.80 20.47 15.42
N ALA A 134 11.52 20.61 15.11
CA ALA A 134 11.09 21.32 13.90
C ALA A 134 9.58 21.60 13.90
N GLY A 135 9.17 22.50 13.01
CA GLY A 135 7.81 23.08 12.98
C GLY A 135 7.46 23.92 14.21
N LYS A 136 6.30 24.56 14.12
CA LYS A 136 5.78 25.35 15.23
C LYS A 136 5.67 24.52 16.52
N ASN A 137 6.44 24.88 17.55
CA ASN A 137 6.20 24.35 18.88
C ASN A 137 4.83 24.86 19.43
N PRO A 138 3.93 23.90 19.77
CA PRO A 138 2.63 24.20 20.39
C PRO A 138 2.67 24.60 21.88
N ILE A 139 3.68 24.16 22.66
CA ILE A 139 3.66 24.36 24.12
C ILE A 139 3.41 25.82 24.56
N GLY A 140 2.51 25.96 25.55
CA GLY A 140 2.06 27.27 26.03
C GLY A 140 1.20 28.03 25.05
N LEU A 141 0.82 27.40 23.93
CA LEU A 141 -0.10 28.06 23.01
C LEU A 141 -1.56 27.93 23.51
N PRO A 142 -2.46 28.86 23.07
CA PRO A 142 -3.84 28.67 23.53
C PRO A 142 -4.55 27.55 22.71
N VAL A 143 -5.31 26.69 23.37
CA VAL A 143 -6.09 25.70 22.63
C VAL A 143 -7.50 26.19 22.34
N ARG A 144 -7.86 26.27 21.06
CA ARG A 144 -9.11 26.84 20.64
C ARG A 144 -10.04 25.81 19.98
N GLY A 145 -11.34 25.87 20.30
CA GLY A 145 -12.33 24.93 19.81
C GLY A 145 -13.02 25.36 18.56
N CYS A 146 -13.89 24.51 18.02
CA CYS A 146 -14.63 24.85 16.81
C CYS A 146 -15.62 26.03 17.06
N ASP A 147 -15.95 26.31 18.33
CA ASP A 147 -16.78 27.47 18.70
C ASP A 147 -15.95 28.77 18.64
N LEU A 148 -14.63 28.64 18.53
CA LEU A 148 -13.65 29.76 18.45
C LEU A 148 -13.34 30.37 19.79
N GLU A 149 -13.56 29.62 20.86
CA GLU A 149 -13.20 30.12 22.18
C GLU A 149 -12.06 29.27 22.64
N ILE A 150 -11.46 29.66 23.75
CA ILE A 150 -10.28 29.01 24.31
C ILE A 150 -10.70 28.02 25.37
N ALA A 151 -10.14 26.83 25.30
CA ALA A 151 -10.46 25.77 26.21
C ALA A 151 -9.37 25.65 27.26
N GLY A 152 -8.14 26.05 26.91
CA GLY A 152 -6.97 25.86 27.80
C GLY A 152 -5.66 26.24 27.13
N LYS A 153 -4.55 25.97 27.77
CA LYS A 153 -3.26 26.16 27.07
C LYS A 153 -2.49 24.83 27.02
N VAL A 154 -1.73 24.61 25.93
CA VAL A 154 -0.89 23.40 25.81
C VAL A 154 0.22 23.45 26.84
N VAL A 155 0.26 22.50 27.75
CA VAL A 155 1.30 22.52 28.78
C VAL A 155 2.39 21.43 28.57
N ASP A 156 2.26 20.65 27.48
CA ASP A 156 3.16 19.51 27.19
C ASP A 156 2.81 18.77 25.91
N ILE A 157 3.76 17.91 25.48
CA ILE A 157 3.53 16.94 24.41
C ILE A 157 3.71 15.56 25.01
N TRP A 158 2.76 14.66 24.74
CA TRP A 158 2.97 13.26 25.07
C TRP A 158 3.59 12.54 23.84
N VAL A 159 4.72 11.92 24.08
CA VAL A 159 5.58 11.44 22.97
C VAL A 159 5.62 9.93 22.98
N ASP A 160 5.49 9.36 21.77
CA ASP A 160 5.79 7.93 21.54
C ASP A 160 7.29 7.89 21.53
N ILE A 161 7.86 7.37 22.58
CA ILE A 161 9.30 7.42 22.71
C ILE A 161 10.02 6.63 21.56
N PRO A 162 9.82 5.28 21.47
CA PRO A 162 10.48 4.51 20.40
C PRO A 162 10.34 5.13 19.01
N GLU A 163 9.18 5.68 18.67
CA GLU A 163 8.99 6.26 17.35
C GLU A 163 9.44 7.73 17.27
N GLN A 164 9.71 8.33 18.42
CA GLN A 164 9.98 9.77 18.46
C GLN A 164 8.92 10.56 17.74
N MET A 165 7.66 10.36 18.13
CA MET A 165 6.59 11.17 17.55
C MET A 165 5.64 11.73 18.63
N ALA A 166 5.09 12.88 18.31
CA ALA A 166 4.14 13.55 19.16
C ALA A 166 2.79 12.85 18.99
N ARG A 167 2.30 12.18 20.05
CA ARG A 167 0.96 11.51 19.99
C ARG A 167 -0.22 12.33 20.55
N PHE A 168 0.01 13.01 21.67
CA PHE A 168 -1.02 13.83 22.28
C PHE A 168 -0.41 15.17 22.68
N LEU A 169 -1.19 16.24 22.54
CA LEU A 169 -1.02 17.48 23.35
C LEU A 169 -1.78 17.39 24.66
N GLU A 170 -1.08 17.67 25.77
CA GLU A 170 -1.74 17.82 27.06
C GLU A 170 -2.17 19.27 27.29
N VAL A 171 -3.45 19.48 27.57
CA VAL A 171 -4.05 20.82 27.56
C VAL A 171 -4.56 21.09 28.98
N GLU A 172 -4.17 22.24 29.54
CA GLU A 172 -4.60 22.60 30.91
C GLU A 172 -5.89 23.42 30.87
N LEU A 173 -6.85 23.03 31.70
CA LEU A 173 -8.18 23.65 31.67
C LEU A 173 -8.36 24.71 32.76
N LYS A 174 -9.40 25.55 32.62
CA LYS A 174 -9.78 26.56 33.62
C LYS A 174 -9.55 26.10 35.04
N ASP A 175 -10.06 24.94 35.42
CA ASP A 175 -9.90 24.50 36.81
C ASP A 175 -8.51 23.95 37.15
N GLY A 176 -7.59 24.00 36.18
CA GLY A 176 -6.21 23.58 36.41
C GLY A 176 -5.89 22.10 36.28
N SER A 177 -6.90 21.26 36.03
CA SER A 177 -6.67 19.89 35.57
C SER A 177 -6.35 19.92 34.06
N THR A 178 -5.98 18.76 33.51
CA THR A 178 -5.53 18.69 32.12
C THR A 178 -6.23 17.56 31.38
N ARG A 179 -6.21 17.62 30.05
CA ARG A 179 -6.67 16.51 29.20
C ARG A 179 -5.70 16.29 28.05
N LEU A 180 -5.62 15.02 27.58
CA LEU A 180 -4.87 14.62 26.35
C LEU A 180 -5.72 14.83 25.12
N LEU A 181 -5.11 15.43 24.11
CA LEU A 181 -5.73 15.69 22.80
C LEU A 181 -4.93 14.97 21.69
N PRO A 182 -5.57 14.05 20.93
CA PRO A 182 -4.74 13.33 19.97
C PRO A 182 -4.10 14.34 18.99
N MET A 183 -2.82 14.15 18.62
CA MET A 183 -2.13 15.05 17.66
C MET A 183 -2.78 15.09 16.34
N GLN A 184 -3.41 13.98 15.95
CA GLN A 184 -3.99 14.00 14.60
C GLN A 184 -5.32 14.70 14.57
N MET A 185 -5.80 15.19 15.73
CA MET A 185 -7.11 15.90 15.76
C MET A 185 -6.96 17.46 15.94
N VAL A 186 -5.69 17.93 15.99
CA VAL A 186 -5.28 19.34 16.17
C VAL A 186 -4.59 19.93 14.92
N LYS A 187 -4.85 21.19 14.63
CA LYS A 187 -4.08 21.94 13.65
C LYS A 187 -3.24 22.97 14.37
N VAL A 188 -1.98 22.64 14.68
CA VAL A 188 -1.02 23.60 15.27
C VAL A 188 -0.79 24.79 14.32
N GLN A 189 -1.12 26.01 14.75
CA GLN A 189 -0.88 27.21 13.92
C GLN A 189 0.15 28.19 14.55
N SER A 190 0.37 29.31 13.86
CA SER A 190 1.25 30.39 14.35
C SER A 190 0.93 30.79 15.80
N ASN A 191 -0.34 31.19 16.03
CA ASN A 191 -0.80 31.82 17.30
C ASN A 191 -1.66 30.96 18.22
N ARG A 192 -2.18 29.84 17.70
CA ARG A 192 -3.06 28.93 18.43
C ARG A 192 -3.00 27.48 17.93
N VAL A 193 -3.41 26.53 18.79
CA VAL A 193 -3.79 25.17 18.34
C VAL A 193 -5.34 25.11 18.11
N HIS A 194 -5.80 24.85 16.90
CA HIS A 194 -7.23 24.78 16.66
C HIS A 194 -7.74 23.32 16.64
N VAL A 195 -8.79 23.05 17.42
CA VAL A 195 -9.43 21.74 17.53
C VAL A 195 -10.86 21.85 17.01
N ASN A 196 -11.00 21.44 15.76
CA ASN A 196 -12.23 21.49 15.03
C ASN A 196 -13.32 20.50 15.51
N ALA A 197 -12.93 19.47 16.28
CA ALA A 197 -13.82 18.37 16.66
C ALA A 197 -14.69 18.74 17.84
N LEU A 198 -14.16 19.61 18.70
CA LEU A 198 -14.77 19.92 19.99
C LEU A 198 -14.97 21.40 20.11
N SER A 199 -16.09 21.83 20.71
CA SER A 199 -16.20 23.19 21.20
C SER A 199 -15.41 23.30 22.49
N SER A 200 -15.01 24.51 22.89
CA SER A 200 -14.19 24.72 24.09
C SER A 200 -14.73 24.09 25.35
N ASP A 201 -16.04 23.90 25.39
CA ASP A 201 -16.67 23.44 26.62
C ASP A 201 -16.87 21.93 26.61
N LEU A 202 -16.49 21.28 25.50
CA LEU A 202 -16.50 19.82 25.47
C LEU A 202 -15.13 19.25 25.86
N PHE A 203 -14.10 20.09 26.02
CA PHE A 203 -12.79 19.59 26.47
C PHE A 203 -12.85 18.99 27.87
N ALA A 204 -13.68 19.55 28.76
CA ALA A 204 -13.71 19.02 30.14
C ALA A 204 -14.28 17.62 30.22
N GLY A 205 -15.18 17.28 29.31
CA GLY A 205 -15.67 15.94 29.26
C GLY A 205 -14.73 14.92 28.61
N ILE A 206 -13.58 15.32 28.06
CA ILE A 206 -12.56 14.32 27.58
C ILE A 206 -12.23 13.43 28.78
N PRO A 207 -12.33 12.10 28.62
CA PRO A 207 -12.02 11.24 29.78
C PRO A 207 -10.64 11.56 30.36
N THR A 208 -10.49 11.40 31.68
CA THR A 208 -9.29 11.76 32.42
C THR A 208 -8.43 10.53 32.67
N ILE A 209 -7.13 10.74 32.75
CA ILE A 209 -6.22 9.62 33.01
C ILE A 209 -6.00 9.44 34.52
N LYS A 210 -5.79 8.21 34.97
CA LYS A 210 -5.49 7.93 36.38
C LYS A 210 -4.14 8.47 36.86
N SER A 211 -3.12 8.60 35.99
CA SER A 211 -1.80 9.07 36.44
C SER A 211 -1.32 10.26 35.68
N PRO A 212 -0.59 11.15 36.33
CA PRO A 212 -0.23 12.36 35.62
C PRO A 212 0.90 12.19 34.57
N THR A 213 1.56 11.02 34.59
CA THR A 213 2.71 10.75 33.69
C THR A 213 2.56 9.52 32.73
N GLU A 214 1.51 8.73 32.91
CA GLU A 214 1.22 7.62 32.00
C GLU A 214 -0.24 7.55 31.48
N VAL A 215 -0.47 6.85 30.36
CA VAL A 215 -1.82 6.67 29.76
C VAL A 215 -2.02 5.22 29.42
N THR A 216 -3.13 4.68 29.85
CA THR A 216 -3.43 3.28 29.60
C THR A 216 -4.08 3.09 28.21
N LEU A 217 -4.05 1.89 27.66
CA LEU A 217 -4.65 1.57 26.35
C LEU A 217 -6.18 1.88 26.41
N LEU A 218 -6.81 1.52 27.51
CA LEU A 218 -8.22 1.86 27.78
C LEU A 218 -8.51 3.38 27.76
N GLU A 219 -7.65 4.19 28.41
CA GLU A 219 -7.81 5.66 28.43
C GLU A 219 -7.57 6.27 27.08
N GLU A 220 -6.54 5.79 26.36
CA GLU A 220 -6.28 6.26 24.99
C GLU A 220 -7.51 6.09 24.12
N ASP A 221 -8.20 4.94 24.17
CA ASP A 221 -9.40 4.68 23.34
C ASP A 221 -10.63 5.53 23.72
N LYS A 222 -10.85 5.67 25.02
CA LYS A 222 -11.85 6.59 25.55
C LYS A 222 -11.61 8.01 25.08
N ILE A 223 -10.33 8.44 25.13
CA ILE A 223 -9.96 9.82 24.79
C ILE A 223 -10.11 10.06 23.30
N CYS A 224 -9.53 9.16 22.50
CA CYS A 224 -9.57 9.26 21.04
C CYS A 224 -10.97 9.12 20.44
N GLY A 225 -11.74 8.19 21.01
CA GLY A 225 -13.12 7.98 20.66
C GLY A 225 -13.94 9.22 21.01
N TYR A 226 -13.86 9.70 22.24
CA TYR A 226 -14.53 10.96 22.59
C TYR A 226 -14.23 12.09 21.61
N VAL A 227 -12.92 12.35 21.36
CA VAL A 227 -12.56 13.46 20.51
C VAL A 227 -13.05 13.24 19.07
N ALA A 228 -12.83 12.05 18.49
CA ALA A 228 -13.36 11.84 17.11
C ALA A 228 -14.90 12.05 17.03
N GLY A 229 -15.59 11.58 18.08
CA GLY A 229 -17.05 11.69 18.22
C GLY A 229 -17.66 13.08 18.11
N GLY A 230 -16.86 14.10 18.41
CA GLY A 230 -17.28 15.50 18.42
C GLY A 230 -17.59 16.00 17.02
N LEU A 231 -16.95 15.38 16.04
CA LEU A 231 -17.14 15.77 14.63
C LEU A 231 -18.60 15.62 14.21
N MET A 232 -19.23 14.56 14.69
CA MET A 232 -20.68 14.34 14.55
C MET A 232 -21.48 15.02 15.66
N TYR A 233 -21.07 14.85 16.90
CA TYR A 233 -21.88 15.20 18.04
C TYR A 233 -21.66 16.59 18.60
N ALA A 234 -20.63 17.31 18.16
CA ALA A 234 -20.50 18.72 18.46
C ALA A 234 -20.80 19.59 17.20
N ALA A 235 -21.16 18.98 16.05
CA ALA A 235 -21.55 19.75 14.84
C ALA A 235 -22.97 20.38 14.94
N ALA B 1 -26.52 -9.45 9.37
CA ALA B 1 -25.70 -9.99 10.48
C ALA B 1 -24.60 -8.97 10.68
N LEU B 2 -24.02 -8.97 11.87
CA LEU B 2 -23.13 -7.93 12.35
C LEU B 2 -21.83 -8.64 12.79
N LEU B 3 -20.66 -7.98 12.66
CA LEU B 3 -19.50 -8.42 13.43
C LEU B 3 -19.85 -8.28 14.92
N SER B 4 -19.20 -9.10 15.76
CA SER B 4 -19.47 -9.10 17.20
C SER B 4 -19.27 -7.73 17.84
N PHE B 5 -18.47 -6.85 17.23
CA PHE B 5 -18.26 -5.49 17.83
C PHE B 5 -18.97 -4.35 17.11
N GLU B 6 -19.82 -4.69 16.15
CA GLU B 6 -20.26 -3.73 15.19
C GLU B 6 -21.39 -2.81 15.64
N ARG B 7 -22.28 -3.31 16.46
CA ARG B 7 -23.56 -2.65 16.69
C ARG B 7 -23.43 -1.23 17.26
N LYS B 8 -22.48 -1.03 18.16
CA LYS B 8 -22.27 0.28 18.76
C LYS B 8 -21.91 1.31 17.70
N TYR B 9 -21.45 0.88 16.54
CA TYR B 9 -21.12 1.85 15.49
C TYR B 9 -22.28 2.16 14.56
N ARG B 10 -23.34 1.34 14.56
CA ARG B 10 -24.43 1.50 13.56
C ARG B 10 -25.40 2.57 14.06
N VAL B 11 -24.94 3.81 14.21
CA VAL B 11 -25.81 4.91 14.66
C VAL B 11 -26.36 5.65 13.43
N PRO B 12 -27.43 6.47 13.60
CA PRO B 12 -27.85 7.38 12.52
C PRO B 12 -26.83 8.52 12.30
N GLY B 13 -26.68 9.00 11.06
CA GLY B 13 -25.84 10.19 10.81
C GLY B 13 -24.71 9.95 9.82
N GLY B 14 -24.16 11.05 9.33
CA GLY B 14 -23.06 11.03 8.40
C GLY B 14 -23.45 11.27 6.96
N THR B 15 -24.74 11.15 6.62
CA THR B 15 -25.18 11.34 5.26
C THR B 15 -24.86 12.75 4.74
N LEU B 16 -24.56 12.81 3.44
CA LEU B 16 -24.34 14.07 2.75
C LEU B 16 -25.65 14.52 2.08
N VAL B 17 -26.46 13.54 1.64
CA VAL B 17 -27.71 13.81 0.95
C VAL B 17 -28.78 12.85 1.43
N GLY B 18 -29.99 13.34 1.67
CA GLY B 18 -31.13 12.45 1.89
C GLY B 18 -31.48 12.32 3.34
N GLY B 19 -30.66 12.89 4.21
CA GLY B 19 -30.95 12.77 5.62
C GLY B 19 -31.01 11.32 6.04
N ASN B 20 -32.04 10.96 6.79
CA ASN B 20 -32.20 9.60 7.26
C ASN B 20 -32.92 8.69 6.27
N LEU B 21 -33.08 9.13 5.04
CA LEU B 21 -33.97 8.43 4.13
C LEU B 21 -33.32 7.19 3.55
N PHE B 22 -32.02 7.22 3.27
CA PHE B 22 -31.31 6.03 2.81
C PHE B 22 -30.31 5.47 3.87
N ASP B 23 -30.44 5.96 5.09
CA ASP B 23 -29.51 5.67 6.16
C ASP B 23 -29.78 4.30 6.77
N PHE B 24 -29.33 3.26 6.08
CA PHE B 24 -29.57 1.87 6.48
C PHE B 24 -28.61 0.94 5.75
N TRP B 25 -28.58 -0.30 6.23
CA TRP B 25 -27.70 -1.33 5.70
C TRP B 25 -28.53 -2.41 4.96
N VAL B 26 -27.93 -3.04 3.96
CA VAL B 26 -28.44 -4.28 3.43
C VAL B 26 -27.42 -5.39 3.74
N GLY B 27 -27.71 -6.26 4.70
CA GLY B 27 -26.67 -7.17 5.15
C GLY B 27 -25.47 -6.38 5.72
N PRO B 28 -24.24 -6.67 5.26
CA PRO B 28 -23.01 -5.94 5.65
C PRO B 28 -22.96 -4.50 5.09
N PHE B 29 -23.45 -4.34 3.83
CA PHE B 29 -23.37 -3.13 2.99
C PHE B 29 -24.17 -1.93 3.53
N TYR B 30 -23.51 -0.81 3.80
CA TYR B 30 -24.22 0.46 3.97
C TYR B 30 -24.81 0.90 2.63
N VAL B 31 -25.97 1.53 2.67
CA VAL B 31 -26.62 2.02 1.47
C VAL B 31 -26.35 3.53 1.28
N GLY B 32 -27.21 4.41 1.82
CA GLY B 32 -27.08 5.85 1.62
C GLY B 32 -27.54 6.20 0.20
N PHE B 33 -27.74 7.49 -0.04
CA PHE B 33 -28.19 7.94 -1.35
C PHE B 33 -27.20 7.50 -2.45
N PHE B 34 -25.90 7.62 -2.17
CA PHE B 34 -24.89 7.26 -3.15
C PHE B 34 -24.75 5.76 -3.30
N GLY B 35 -25.26 5.02 -2.33
CA GLY B 35 -25.46 3.58 -2.47
C GLY B 35 -26.60 3.27 -3.42
N VAL B 36 -27.70 4.05 -3.35
CA VAL B 36 -28.74 3.80 -4.41
C VAL B 36 -28.33 4.30 -5.81
N ALA B 37 -27.62 5.44 -5.86
CA ALA B 37 -26.98 5.92 -7.07
C ALA B 37 -26.03 4.90 -7.69
N THR B 38 -25.12 4.30 -6.89
CA THR B 38 -24.21 3.25 -7.42
C THR B 38 -25.05 2.14 -8.02
N PHE B 39 -26.08 1.73 -7.26
CA PHE B 39 -26.98 0.68 -7.72
C PHE B 39 -27.65 0.98 -9.09
N PHE B 40 -28.24 2.18 -9.25
CA PHE B 40 -28.83 2.61 -10.52
C PHE B 40 -27.79 2.64 -11.65
N PHE B 41 -26.65 3.28 -11.43
CA PHE B 41 -25.64 3.32 -12.49
C PHE B 41 -25.06 1.96 -12.85
N ALA B 42 -24.67 1.15 -11.85
CA ALA B 42 -24.11 -0.21 -12.08
C ALA B 42 -25.09 -1.16 -12.80
N ALA B 43 -26.35 -1.15 -12.37
CA ALA B 43 -27.44 -1.90 -12.98
C ALA B 43 -27.66 -1.56 -14.46
N LEU B 44 -27.84 -0.28 -14.75
CA LEU B 44 -27.97 0.18 -16.13
C LEU B 44 -26.72 -0.09 -17.02
N GLY B 45 -25.52 0.11 -16.50
CA GLY B 45 -24.30 -0.13 -17.25
C GLY B 45 -24.15 -1.61 -17.59
N ILE B 46 -24.49 -2.47 -16.64
CA ILE B 46 -24.45 -3.91 -16.85
C ILE B 46 -25.54 -4.41 -17.82
N ILE B 47 -26.71 -3.78 -17.79
CA ILE B 47 -27.83 -4.10 -18.67
C ILE B 47 -27.45 -3.77 -20.11
N LEU B 48 -26.85 -2.60 -20.31
CA LEU B 48 -26.36 -2.20 -21.61
C LEU B 48 -25.22 -3.08 -22.15
N ILE B 49 -24.35 -3.59 -21.28
CA ILE B 49 -23.29 -4.54 -21.67
C ILE B 49 -23.90 -5.84 -22.15
N ALA B 50 -24.99 -6.25 -21.49
CA ALA B 50 -25.72 -7.45 -21.90
C ALA B 50 -26.39 -7.21 -23.25
N TRP B 51 -27.03 -6.06 -23.43
CA TRP B 51 -27.60 -5.66 -24.71
C TRP B 51 -26.53 -5.68 -25.79
N SER B 52 -25.39 -5.05 -25.53
CA SER B 52 -24.29 -5.06 -26.48
C SER B 52 -23.83 -6.46 -26.85
N ALA B 53 -23.87 -7.38 -25.88
CA ALA B 53 -23.47 -8.77 -26.12
C ALA B 53 -24.49 -9.55 -26.99
N VAL B 54 -25.77 -9.27 -26.81
CA VAL B 54 -26.83 -9.78 -27.71
C VAL B 54 -26.62 -9.24 -29.16
N LEU B 55 -26.31 -7.94 -29.29
CA LEU B 55 -25.92 -7.32 -30.57
C LEU B 55 -24.68 -7.91 -31.24
N GLN B 56 -23.79 -8.47 -30.45
CA GLN B 56 -22.56 -9.09 -30.92
C GLN B 56 -22.82 -10.60 -31.11
N GLY B 57 -23.81 -11.14 -30.40
CA GLY B 57 -24.17 -12.55 -30.54
C GLY B 57 -23.33 -13.59 -29.83
N THR B 58 -22.69 -13.19 -28.74
CA THR B 58 -21.94 -14.09 -27.84
C THR B 58 -22.30 -13.81 -26.37
N TRP B 59 -22.30 -14.85 -25.55
CA TRP B 59 -22.48 -14.65 -24.09
C TRP B 59 -21.23 -14.97 -23.27
N ASN B 60 -20.17 -15.31 -23.98
CA ASN B 60 -18.91 -15.66 -23.40
C ASN B 60 -18.16 -14.40 -22.94
N PRO B 61 -17.91 -14.27 -21.63
CA PRO B 61 -17.28 -13.00 -21.18
C PRO B 61 -15.85 -12.83 -21.75
N GLN B 62 -15.23 -13.90 -22.25
CA GLN B 62 -13.92 -13.77 -22.93
C GLN B 62 -14.06 -13.07 -24.29
N LEU B 63 -15.30 -12.98 -24.78
CA LEU B 63 -15.57 -12.51 -26.15
C LEU B 63 -16.26 -11.13 -26.18
N ILE B 64 -17.18 -10.88 -25.26
CA ILE B 64 -17.85 -9.57 -25.16
C ILE B 64 -16.86 -8.39 -25.22
N SER B 65 -17.12 -7.45 -26.13
CA SER B 65 -16.29 -6.27 -26.31
C SER B 65 -17.16 -5.09 -26.72
N VAL B 66 -17.23 -4.04 -25.89
CA VAL B 66 -18.03 -2.87 -26.19
C VAL B 66 -17.06 -1.80 -26.67
N TYR B 67 -17.13 -1.49 -27.97
CA TYR B 67 -16.18 -0.58 -28.60
C TYR B 67 -16.61 0.87 -28.55
N PRO B 68 -15.64 1.80 -28.44
CA PRO B 68 -16.02 3.20 -28.50
C PRO B 68 -16.36 3.58 -29.98
N PRO B 69 -16.92 4.78 -30.21
CA PRO B 69 -17.32 5.17 -31.58
C PRO B 69 -16.11 5.13 -32.51
N ALA B 70 -16.34 4.84 -33.80
CA ALA B 70 -15.29 5.03 -34.81
C ALA B 70 -14.65 6.40 -34.63
N LEU B 71 -13.38 6.55 -35.00
CA LEU B 71 -12.68 7.84 -34.86
C LEU B 71 -13.37 8.96 -35.65
N GLU B 72 -14.10 8.60 -36.71
CA GLU B 72 -14.68 9.62 -37.58
C GLU B 72 -15.75 10.37 -36.80
N TYR B 73 -16.50 9.68 -35.92
CA TYR B 73 -17.45 10.36 -35.01
C TYR B 73 -16.92 11.56 -34.19
N GLY B 74 -15.60 11.75 -34.14
CA GLY B 74 -14.99 12.81 -33.32
C GLY B 74 -15.51 12.69 -31.89
N LEU B 75 -16.00 13.81 -31.35
CA LEU B 75 -16.66 13.84 -30.03
C LEU B 75 -18.22 13.81 -30.05
N GLY B 76 -18.86 13.54 -31.18
CA GLY B 76 -20.33 13.51 -31.17
C GLY B 76 -20.87 12.20 -30.61
N GLY B 77 -22.18 12.12 -30.37
CA GLY B 77 -22.83 10.86 -30.00
C GLY B 77 -22.87 9.91 -31.17
N ALA B 78 -22.86 8.59 -30.95
CA ALA B 78 -22.88 7.62 -32.03
C ALA B 78 -24.13 6.80 -31.83
N PRO B 79 -24.58 6.07 -32.87
CA PRO B 79 -25.72 5.19 -32.59
C PRO B 79 -25.36 4.11 -31.57
N LEU B 80 -26.34 3.62 -30.81
CA LEU B 80 -26.08 2.61 -29.80
C LEU B 80 -25.11 1.54 -30.30
N ALA B 81 -25.49 0.84 -31.35
CA ALA B 81 -24.70 -0.26 -31.86
C ALA B 81 -23.33 0.16 -32.43
N LYS B 82 -23.11 1.46 -32.70
CA LYS B 82 -21.86 1.92 -33.35
C LYS B 82 -21.01 2.81 -32.43
N GLY B 83 -21.16 2.60 -31.13
CA GLY B 83 -20.37 3.32 -30.15
C GLY B 83 -21.16 4.02 -29.07
N GLY B 84 -22.48 4.02 -29.24
CA GLY B 84 -23.35 4.73 -28.30
C GLY B 84 -23.52 4.01 -26.96
N LEU B 85 -23.65 2.70 -27.03
CA LEU B 85 -23.62 1.81 -25.85
C LEU B 85 -22.31 2.02 -25.03
N TRP B 86 -21.15 2.03 -25.68
CA TRP B 86 -19.90 2.46 -25.05
C TRP B 86 -20.06 3.79 -24.30
N GLN B 87 -20.58 4.82 -24.97
CA GLN B 87 -20.65 6.16 -24.38
C GLN B 87 -21.62 6.24 -23.19
N ILE B 88 -22.72 5.52 -23.26
CA ILE B 88 -23.69 5.49 -22.16
C ILE B 88 -23.10 4.65 -21.02
N ILE B 89 -22.42 3.55 -21.36
CA ILE B 89 -21.72 2.71 -20.38
C ILE B 89 -20.60 3.49 -19.70
N THR B 90 -19.87 4.30 -20.44
CA THR B 90 -18.85 5.13 -19.84
C THR B 90 -19.45 6.12 -18.83
N ILE B 91 -20.59 6.71 -19.17
CA ILE B 91 -21.26 7.64 -18.27
C ILE B 91 -21.74 6.90 -17.02
N CYS B 92 -22.27 5.69 -17.18
CA CYS B 92 -22.73 4.89 -16.02
C CYS B 92 -21.55 4.48 -15.10
N ALA B 93 -20.42 4.12 -15.70
CA ALA B 93 -19.20 3.75 -15.00
C ALA B 93 -18.73 4.95 -14.21
N THR B 94 -18.54 6.09 -14.86
CA THR B 94 -18.20 7.33 -14.14
C THR B 94 -19.12 7.66 -12.95
N GLY B 95 -20.44 7.48 -13.11
CA GLY B 95 -21.34 7.87 -12.06
C GLY B 95 -21.25 6.85 -10.92
N ALA B 96 -21.04 5.59 -11.28
CA ALA B 96 -20.89 4.49 -10.32
C ALA B 96 -19.61 4.68 -9.50
N PHE B 97 -18.52 5.05 -10.15
CA PHE B 97 -17.21 5.25 -9.51
C PHE B 97 -17.25 6.43 -8.59
N VAL B 98 -17.67 7.60 -9.10
CA VAL B 98 -17.86 8.81 -8.28
C VAL B 98 -18.88 8.58 -7.14
N SER B 99 -19.98 7.87 -7.41
CA SER B 99 -20.96 7.54 -6.40
C SER B 99 -20.42 6.63 -5.29
N TRP B 100 -19.66 5.60 -5.67
CA TRP B 100 -18.90 4.76 -4.73
C TRP B 100 -18.04 5.60 -3.80
N ALA B 101 -17.30 6.57 -4.34
CA ALA B 101 -16.45 7.48 -3.57
C ALA B 101 -17.23 8.36 -2.58
N LEU B 102 -18.45 8.80 -2.96
CA LEU B 102 -19.26 9.70 -2.13
C LEU B 102 -19.91 8.87 -1.02
N ARG B 103 -20.27 7.64 -1.34
CA ARG B 103 -20.70 6.71 -0.33
C ARG B 103 -19.59 6.38 0.70
N GLU B 104 -18.34 6.16 0.26
CA GLU B 104 -17.22 5.99 1.19
C GLU B 104 -17.13 7.20 2.14
N VAL B 105 -17.31 8.41 1.59
CA VAL B 105 -17.29 9.66 2.41
C VAL B 105 -18.36 9.60 3.50
N GLU B 106 -19.59 9.18 3.17
CA GLU B 106 -20.66 9.01 4.16
C GLU B 106 -20.27 7.99 5.23
N ILE B 107 -19.66 6.87 4.80
CA ILE B 107 -19.19 5.83 5.71
C ILE B 107 -18.09 6.40 6.61
N CYS B 108 -17.13 7.15 6.05
CA CYS B 108 -16.13 7.82 6.87
C CYS B 108 -16.75 8.72 7.92
N ARG B 109 -17.77 9.50 7.52
CA ARG B 109 -18.41 10.41 8.44
C ARG B 109 -19.12 9.65 9.55
N LYS B 110 -19.82 8.57 9.22
CA LYS B 110 -20.63 7.89 10.29
C LYS B 110 -19.65 7.26 11.30
N LEU B 111 -18.47 6.84 10.82
CA LEU B 111 -17.47 6.12 11.66
C LEU B 111 -16.48 7.08 12.30
N GLY B 112 -16.54 8.35 11.90
CA GLY B 112 -15.69 9.35 12.54
C GLY B 112 -14.21 9.22 12.17
N ILE B 113 -13.93 8.70 10.97
CA ILE B 113 -12.54 8.53 10.55
C ILE B 113 -12.14 9.55 9.45
N GLY B 114 -10.86 9.65 9.09
CA GLY B 114 -10.42 10.60 8.03
C GLY B 114 -10.89 10.14 6.66
N TYR B 115 -10.77 11.03 5.69
CA TYR B 115 -11.27 10.76 4.34
C TYR B 115 -10.22 10.27 3.41
N HIS B 116 -9.11 9.73 3.94
CA HIS B 116 -8.01 9.28 3.10
C HIS B 116 -8.44 8.28 2.05
N ILE B 117 -9.35 7.39 2.38
CA ILE B 117 -9.67 6.33 1.42
C ILE B 117 -10.38 6.80 0.12
N PRO B 118 -11.52 7.51 0.24
CA PRO B 118 -12.15 8.09 -0.94
C PRO B 118 -11.23 9.06 -1.71
N PHE B 119 -10.43 9.83 -1.02
CA PHE B 119 -9.43 10.67 -1.63
C PHE B 119 -8.41 9.85 -2.46
N ALA B 120 -7.82 8.79 -1.86
CA ALA B 120 -6.98 7.80 -2.60
C ALA B 120 -7.72 7.16 -3.78
N PHE B 121 -8.99 6.82 -3.64
CA PHE B 121 -9.73 6.18 -4.76
C PHE B 121 -9.95 7.17 -5.92
N ALA B 122 -10.01 8.46 -5.63
CA ALA B 122 -10.16 9.51 -6.64
C ALA B 122 -9.02 9.51 -7.64
N PHE B 123 -7.80 9.09 -7.22
CA PHE B 123 -6.68 8.96 -8.14
C PHE B 123 -6.95 7.88 -9.17
N ALA B 124 -7.53 6.75 -8.75
CA ALA B 124 -7.86 5.73 -9.70
C ALA B 124 -8.95 6.22 -10.67
N ILE B 125 -9.99 6.87 -10.16
CA ILE B 125 -11.04 7.45 -10.97
C ILE B 125 -10.46 8.48 -11.94
N LEU B 126 -9.53 9.32 -11.48
CA LEU B 126 -8.87 10.29 -12.38
C LEU B 126 -8.03 9.63 -13.48
N ALA B 127 -7.37 8.49 -13.20
CA ALA B 127 -6.71 7.71 -14.26
C ALA B 127 -7.64 7.08 -15.29
N TYR B 128 -8.76 6.51 -14.84
CA TYR B 128 -9.75 5.99 -15.78
C TYR B 128 -10.32 7.14 -16.66
N LEU B 129 -10.59 8.27 -16.04
CA LEU B 129 -11.12 9.45 -16.71
C LEU B 129 -10.06 9.99 -17.68
N THR B 130 -8.77 9.92 -17.31
CA THR B 130 -7.70 10.30 -18.24
C THR B 130 -7.80 9.56 -19.59
N LEU B 131 -8.18 8.29 -19.55
CA LEU B 131 -8.07 7.43 -20.70
C LEU B 131 -9.33 7.44 -21.58
N VAL B 132 -10.45 7.72 -20.94
CA VAL B 132 -11.77 7.54 -21.49
C VAL B 132 -12.42 8.94 -21.75
N LEU B 133 -11.93 9.97 -21.05
CA LEU B 133 -12.48 11.32 -21.13
C LEU B 133 -11.44 12.38 -21.42
N PHE B 134 -10.48 12.62 -20.53
CA PHE B 134 -9.56 13.75 -20.75
C PHE B 134 -8.75 13.58 -22.05
N ARG B 135 -8.13 12.39 -22.23
CA ARG B 135 -7.26 12.17 -23.42
C ARG B 135 -8.08 12.19 -24.74
N PRO B 136 -9.15 11.36 -24.87
CA PRO B 136 -10.02 11.50 -26.04
C PRO B 136 -10.50 12.93 -26.36
N VAL B 137 -10.82 13.71 -25.34
CA VAL B 137 -11.28 15.07 -25.60
C VAL B 137 -10.14 15.90 -26.18
N MET B 138 -8.96 15.81 -25.56
CA MET B 138 -7.76 16.54 -26.04
C MET B 138 -7.33 16.13 -27.44
N MET B 139 -7.52 14.85 -27.78
CA MET B 139 -7.19 14.30 -29.12
C MET B 139 -8.33 14.49 -30.14
N GLY B 140 -9.49 14.94 -29.67
CA GLY B 140 -10.66 15.15 -30.51
C GLY B 140 -11.48 13.96 -30.95
N ALA B 141 -11.42 12.83 -30.26
CA ALA B 141 -12.29 11.73 -30.67
C ALA B 141 -12.48 10.65 -29.59
N TRP B 142 -13.69 10.13 -29.43
CA TRP B 142 -13.93 9.12 -28.42
C TRP B 142 -13.25 7.80 -28.79
N GLY B 143 -12.93 7.60 -30.07
CA GLY B 143 -12.40 6.32 -30.54
C GLY B 143 -10.98 6.09 -30.04
N TYR B 144 -10.41 7.11 -29.44
CA TYR B 144 -9.14 6.96 -28.83
C TYR B 144 -9.20 6.22 -27.48
N ALA B 145 -10.34 6.25 -26.78
CA ALA B 145 -10.54 5.59 -25.51
C ALA B 145 -10.33 4.09 -25.73
N PHE B 146 -10.25 3.31 -24.66
CA PHE B 146 -10.17 1.83 -24.72
C PHE B 146 -11.55 1.14 -24.79
N PRO B 147 -11.66 -0.01 -25.50
CA PRO B 147 -12.86 -0.87 -25.52
C PRO B 147 -13.03 -1.64 -24.21
N TYR B 148 -14.28 -1.93 -23.86
CA TYR B 148 -14.62 -2.64 -22.67
C TYR B 148 -14.75 -4.07 -23.05
N GLY B 149 -13.61 -4.76 -23.09
CA GLY B 149 -13.56 -6.22 -23.36
C GLY B 149 -12.33 -6.78 -22.69
N ILE B 150 -12.39 -8.04 -22.20
CA ILE B 150 -11.28 -8.58 -21.36
C ILE B 150 -9.90 -8.57 -22.08
N TRP B 151 -9.90 -9.09 -23.31
CA TRP B 151 -8.71 -9.20 -24.14
C TRP B 151 -8.57 -8.02 -25.13
N THR B 152 -9.70 -7.48 -25.59
CA THR B 152 -9.63 -6.34 -26.54
C THR B 152 -8.97 -5.11 -25.94
N HIS B 153 -9.23 -4.84 -24.65
CA HIS B 153 -8.55 -3.69 -24.02
C HIS B 153 -7.04 -3.88 -23.95
N LEU B 154 -6.57 -5.13 -23.96
CA LEU B 154 -5.13 -5.42 -24.01
C LEU B 154 -4.58 -5.18 -25.42
N ASP B 155 -5.33 -5.57 -26.46
CA ASP B 155 -5.00 -5.13 -27.84
C ASP B 155 -4.92 -3.60 -27.97
N TRP B 156 -5.82 -2.89 -27.30
CA TRP B 156 -5.73 -1.41 -27.27
C TRP B 156 -4.47 -0.91 -26.66
N VAL B 157 -3.99 -1.55 -25.57
CA VAL B 157 -2.74 -1.12 -24.89
C VAL B 157 -1.55 -1.31 -25.85
N SER B 158 -1.56 -2.45 -26.51
CA SER B 158 -0.55 -2.80 -27.47
C SER B 158 -0.54 -1.82 -28.66
N ASN B 159 -1.67 -1.68 -29.37
CA ASN B 159 -1.82 -0.68 -30.47
C ASN B 159 -1.37 0.72 -30.09
N THR B 160 -1.88 1.25 -28.98
CA THR B 160 -1.54 2.59 -28.49
C THR B 160 -0.07 2.69 -28.14
N GLY B 161 0.45 1.68 -27.46
CA GLY B 161 1.87 1.73 -27.08
C GLY B 161 2.77 1.74 -28.31
N TYR B 162 2.48 0.83 -29.22
CA TYR B 162 3.36 0.65 -30.37
C TYR B 162 3.32 1.82 -31.34
N THR B 163 2.15 2.47 -31.45
CA THR B 163 2.04 3.77 -32.14
C THR B 163 3.14 4.74 -31.82
N TYR B 164 3.65 4.73 -30.58
CA TYR B 164 4.71 5.68 -30.18
C TYR B 164 6.09 5.01 -30.06
N GLY B 165 6.26 3.92 -30.82
CA GLY B 165 7.47 3.10 -30.76
C GLY B 165 7.52 2.10 -29.58
N ASN B 166 8.60 2.12 -28.82
CA ASN B 166 8.65 1.40 -27.56
C ASN B 166 8.18 2.41 -26.52
N PHE B 167 7.00 2.17 -25.94
CA PHE B 167 6.47 3.05 -24.87
C PHE B 167 7.37 3.14 -23.63
N HIS B 168 8.17 2.10 -23.39
CA HIS B 168 9.21 2.16 -22.35
C HIS B 168 10.03 3.45 -22.30
N TYR B 169 10.15 4.14 -23.44
CA TYR B 169 10.98 5.35 -23.52
C TYR B 169 10.25 6.62 -23.02
N ASN B 170 8.91 6.53 -22.90
CA ASN B 170 8.10 7.63 -22.34
C ASN B 170 8.61 7.87 -20.91
N PRO B 171 9.15 9.07 -20.62
CA PRO B 171 9.81 9.22 -19.31
C PRO B 171 8.87 9.30 -18.09
N ALA B 172 7.61 9.67 -18.32
CA ALA B 172 6.68 9.71 -17.21
C ALA B 172 6.20 8.25 -16.94
N HIS B 173 6.28 7.38 -17.93
CA HIS B 173 5.96 5.94 -17.85
C HIS B 173 7.10 5.29 -17.04
N MET B 174 8.31 5.75 -17.26
CA MET B 174 9.41 5.24 -16.50
C MET B 174 9.22 5.57 -15.02
N ILE B 175 8.89 6.83 -14.70
CA ILE B 175 8.64 7.24 -13.31
C ILE B 175 7.46 6.46 -12.68
N ALA B 176 6.37 6.33 -13.41
CA ALA B 176 5.21 5.54 -12.98
C ALA B 176 5.62 4.09 -12.67
N ILE B 177 6.34 3.45 -13.58
CA ILE B 177 6.81 2.09 -13.34
C ILE B 177 7.64 1.98 -12.06
N SER B 178 8.57 2.91 -11.83
CA SER B 178 9.44 2.91 -10.66
C SER B 178 8.64 2.98 -9.41
N PHE B 179 7.61 3.84 -9.40
CA PHE B 179 6.63 3.87 -8.33
C PHE B 179 5.88 2.57 -8.10
N PHE B 180 5.37 1.97 -9.16
CA PHE B 180 4.71 0.66 -9.10
C PHE B 180 5.60 -0.45 -8.56
N PHE B 181 6.86 -0.53 -9.02
CA PHE B 181 7.80 -1.59 -8.59
C PHE B 181 8.18 -1.34 -7.13
N THR B 182 8.52 -0.10 -6.80
CA THR B 182 8.78 0.34 -5.41
C THR B 182 7.61 0.15 -4.48
N ASN B 183 6.41 0.46 -4.93
CA ASN B 183 5.21 0.11 -4.15
C ASN B 183 5.07 -1.38 -3.78
N ALA B 184 5.22 -2.31 -4.73
CA ALA B 184 5.09 -3.75 -4.47
C ALA B 184 6.19 -4.19 -3.52
N LEU B 185 7.38 -3.58 -3.67
CA LEU B 185 8.54 -3.90 -2.85
C LEU B 185 8.22 -3.50 -1.41
N ALA B 186 7.73 -2.28 -1.26
CA ALA B 186 7.30 -1.74 0.04
C ALA B 186 6.11 -2.50 0.62
N LEU B 187 5.16 -2.92 -0.19
CA LEU B 187 4.07 -3.75 0.30
C LEU B 187 4.57 -5.10 0.81
N ALA B 188 5.41 -5.81 0.04
CA ALA B 188 6.00 -7.09 0.43
C ALA B 188 6.71 -6.93 1.76
N LEU B 189 7.57 -5.91 1.87
CA LEU B 189 8.36 -5.62 3.11
C LEU B 189 7.51 -5.27 4.33
N HIS B 190 6.47 -4.44 4.13
CA HIS B 190 5.58 -4.06 5.22
C HIS B 190 4.76 -5.24 5.81
N GLY B 191 4.09 -6.03 4.94
CA GLY B 191 3.39 -7.25 5.38
C GLY B 191 4.36 -8.19 6.09
N ALA B 192 5.52 -8.42 5.49
CA ALA B 192 6.56 -9.29 6.05
C ALA B 192 6.97 -8.81 7.42
N LEU B 193 7.27 -7.50 7.53
CA LEU B 193 7.81 -6.94 8.79
C LEU B 193 6.81 -7.11 9.94
N VAL B 194 5.57 -6.69 9.70
CA VAL B 194 4.55 -6.76 10.77
C VAL B 194 4.29 -8.24 11.16
N LEU B 195 4.26 -9.11 10.17
CA LEU B 195 3.91 -10.48 10.43
C LEU B 195 5.04 -11.20 11.11
N SER B 196 6.29 -10.84 10.76
CA SER B 196 7.49 -11.42 11.37
C SER B 196 7.65 -11.00 12.83
N ALA B 197 7.01 -9.89 13.21
CA ALA B 197 6.91 -9.47 14.59
C ALA B 197 5.75 -10.07 15.36
N ALA B 198 4.54 -10.08 14.78
CA ALA B 198 3.35 -10.63 15.43
C ALA B 198 3.50 -12.17 15.54
N ASN B 199 4.22 -12.80 14.58
CA ASN B 199 4.46 -14.25 14.52
C ASN B 199 5.96 -14.56 14.56
N PRO B 200 6.56 -14.48 15.75
CA PRO B 200 8.00 -14.56 15.83
C PRO B 200 8.44 -16.02 15.77
N GLU B 201 9.73 -16.27 15.93
CA GLU B 201 10.21 -17.64 15.99
C GLU B 201 9.43 -18.38 17.03
N LYS B 202 9.20 -19.67 16.77
CA LYS B 202 8.69 -20.60 17.76
C LYS B 202 9.48 -20.48 19.08
N GLY B 203 8.72 -20.56 20.19
CA GLY B 203 9.24 -20.40 21.55
C GLY B 203 9.56 -18.96 21.94
N LYS B 204 8.93 -17.99 21.29
CA LYS B 204 9.19 -16.58 21.54
C LYS B 204 7.83 -15.87 21.77
N GLU B 205 7.85 -14.89 22.67
CA GLU B 205 6.81 -13.90 22.78
C GLU B 205 6.75 -12.99 21.59
N MET B 206 5.55 -12.54 21.27
CA MET B 206 5.30 -11.47 20.32
C MET B 206 6.36 -10.34 20.41
N ARG B 207 6.91 -9.95 19.25
CA ARG B 207 7.87 -8.89 19.13
C ARG B 207 7.09 -7.56 19.25
N THR B 208 7.82 -6.49 19.51
CA THR B 208 7.25 -5.16 19.69
C THR B 208 7.61 -4.32 18.45
N PRO B 209 7.01 -3.10 18.31
CA PRO B 209 7.48 -2.26 17.18
C PRO B 209 8.98 -1.90 17.16
N ASP B 210 9.61 -1.87 18.32
CA ASP B 210 11.09 -1.65 18.41
C ASP B 210 11.90 -2.72 17.69
N HIS B 211 11.39 -3.94 17.66
CA HIS B 211 12.03 -5.04 16.94
C HIS B 211 11.90 -4.75 15.46
N GLU B 212 10.77 -4.21 15.02
CA GLU B 212 10.60 -3.92 13.60
C GLU B 212 11.62 -2.85 13.15
N ASP B 213 11.73 -1.76 13.93
CA ASP B 213 12.69 -0.67 13.65
C ASP B 213 14.12 -1.22 13.67
N THR B 214 14.45 -2.02 14.72
CA THR B 214 15.78 -2.66 14.88
C THR B 214 16.06 -3.51 13.68
N PHE B 215 15.07 -4.28 13.25
CA PHE B 215 15.33 -5.15 12.15
C PHE B 215 15.67 -4.31 10.91
N PHE B 216 14.88 -3.29 10.63
CA PHE B 216 15.14 -2.52 9.42
C PHE B 216 16.43 -1.69 9.44
N ARG B 217 16.70 -1.15 10.61
CA ARG B 217 17.94 -0.49 10.91
C ARG B 217 19.18 -1.43 10.73
N ASP B 218 19.15 -2.64 11.31
CA ASP B 218 20.18 -3.65 11.07
C ASP B 218 20.35 -3.96 9.58
N LEU B 219 19.23 -4.07 8.87
CA LEU B 219 19.23 -4.48 7.48
C LEU B 219 19.76 -3.38 6.61
N VAL B 220 19.26 -2.18 6.85
CA VAL B 220 19.40 -1.10 5.88
C VAL B 220 19.89 0.25 6.47
N GLY B 221 19.98 0.39 7.79
CA GLY B 221 20.49 1.64 8.38
C GLY B 221 19.43 2.71 8.59
N TYR B 222 18.17 2.38 8.31
CA TYR B 222 17.07 3.34 8.46
C TYR B 222 15.75 2.65 8.66
N SER B 223 14.95 3.14 9.61
CA SER B 223 13.56 2.71 9.69
C SER B 223 12.60 3.86 9.52
N ILE B 224 11.74 3.78 8.53
CA ILE B 224 10.83 4.89 8.27
C ILE B 224 9.83 5.07 9.47
N GLY B 225 9.60 4.02 10.25
CA GLY B 225 8.57 4.08 11.28
C GLY B 225 7.21 3.58 10.83
N THR B 226 6.37 3.25 11.80
CA THR B 226 5.01 2.70 11.59
C THR B 226 4.11 3.69 10.89
N LEU B 227 4.15 4.96 11.30
CA LEU B 227 3.35 5.95 10.61
C LEU B 227 3.92 6.21 9.22
N GLY B 228 5.23 6.43 9.11
CA GLY B 228 5.88 6.61 7.79
C GLY B 228 5.68 5.52 6.74
N ILE B 229 5.73 4.27 7.17
CA ILE B 229 5.49 3.22 6.18
C ILE B 229 4.07 3.33 5.55
N HIS B 230 3.06 3.69 6.35
CA HIS B 230 1.70 3.85 5.77
C HIS B 230 1.58 5.11 4.91
N ARG B 231 2.18 6.22 5.35
CA ARG B 231 2.29 7.39 4.44
C ARG B 231 3.02 7.00 3.16
N LEU B 232 4.10 6.22 3.31
CA LEU B 232 4.92 5.85 2.15
C LEU B 232 4.08 5.01 1.13
N GLY B 233 3.39 3.97 1.61
CA GLY B 233 2.61 3.11 0.72
C GLY B 233 1.55 3.87 -0.05
N LEU B 234 0.84 4.72 0.66
CA LEU B 234 -0.11 5.64 0.03
C LEU B 234 0.55 6.57 -1.04
N LEU B 235 1.64 7.24 -0.69
CA LEU B 235 2.43 8.09 -1.59
C LEU B 235 2.93 7.36 -2.84
N LEU B 236 3.51 6.17 -2.69
CA LEU B 236 4.01 5.35 -3.81
C LEU B 236 2.92 4.95 -4.78
N SER B 237 1.84 4.38 -4.26
CA SER B 237 0.78 3.90 -5.13
C SER B 237 -0.01 5.03 -5.85
N LEU B 238 -0.26 6.13 -5.16
CA LEU B 238 -0.84 7.37 -5.69
C LEU B 238 0.08 8.09 -6.68
N SER B 239 1.37 8.18 -6.37
CA SER B 239 2.33 8.70 -7.35
C SER B 239 2.46 7.82 -8.57
N ALA B 240 2.43 6.50 -8.41
CA ALA B 240 2.42 5.58 -9.57
C ALA B 240 1.26 5.90 -10.55
N VAL B 241 0.09 6.13 -9.99
CA VAL B 241 -1.12 6.33 -10.77
C VAL B 241 -1.17 7.79 -11.32
N PHE B 242 -0.71 8.77 -10.54
CA PHE B 242 -0.56 10.14 -11.04
C PHE B 242 0.36 10.18 -12.31
N PHE B 243 1.57 9.60 -12.17
CA PHE B 243 2.47 9.50 -13.29
C PHE B 243 1.96 8.65 -14.45
N SER B 244 1.10 7.68 -14.20
CA SER B 244 0.45 6.91 -15.26
C SER B 244 -0.47 7.85 -16.06
N ALA B 245 -1.41 8.50 -15.40
CA ALA B 245 -2.26 9.54 -16.00
C ALA B 245 -1.39 10.59 -16.74
N LEU B 246 -0.34 11.11 -16.12
CA LEU B 246 0.50 12.13 -16.78
C LEU B 246 1.14 11.59 -18.06
N CYS B 247 1.59 10.33 -18.03
CA CYS B 247 2.31 9.75 -19.20
C CYS B 247 1.35 9.50 -20.34
N MET B 248 0.04 9.43 -20.07
CA MET B 248 -0.91 9.24 -21.14
C MET B 248 -1.50 10.56 -21.62
N ILE B 249 -1.67 11.50 -20.68
CA ILE B 249 -2.24 12.79 -21.02
C ILE B 249 -1.34 13.57 -22.01
N ILE B 250 -0.03 13.41 -21.90
CA ILE B 250 0.96 14.03 -22.77
C ILE B 250 1.14 13.27 -24.08
N THR B 251 0.62 12.04 -24.16
CA THR B 251 0.83 11.16 -25.31
C THR B 251 -0.26 11.38 -26.35
N GLY B 252 0.17 11.84 -27.55
CA GLY B 252 -0.73 12.17 -28.68
C GLY B 252 -1.39 13.54 -28.57
N THR B 253 -0.92 14.35 -27.63
CA THR B 253 -1.45 15.67 -27.35
C THR B 253 -0.32 16.71 -27.34
N ILE B 254 0.71 16.50 -26.53
CA ILE B 254 1.90 17.30 -26.65
C ILE B 254 3.11 16.47 -27.20
N TRP B 255 2.89 15.17 -27.42
CA TRP B 255 3.91 14.25 -27.95
C TRP B 255 3.30 13.29 -28.99
N PHE B 256 3.89 13.25 -30.19
CA PHE B 256 3.35 12.53 -31.37
C PHE B 256 4.30 11.51 -32.03
N ASP B 257 5.58 11.61 -31.66
CA ASP B 257 6.70 10.85 -32.23
C ASP B 257 7.00 9.56 -31.46
N GLN B 258 8.04 8.84 -31.93
CA GLN B 258 8.59 7.71 -31.18
C GLN B 258 9.21 8.30 -29.92
N TRP B 259 8.79 7.74 -28.79
CA TRP B 259 9.23 8.20 -27.48
C TRP B 259 10.73 8.19 -27.26
N VAL B 260 11.43 7.25 -27.91
CA VAL B 260 12.92 7.21 -27.86
C VAL B 260 13.57 8.54 -28.34
N ASP B 261 12.90 9.28 -29.24
CA ASP B 261 13.39 10.60 -29.70
C ASP B 261 13.51 11.64 -28.59
N TRP B 262 12.61 11.57 -27.61
CA TRP B 262 12.59 12.49 -26.46
C TRP B 262 13.99 12.57 -25.86
N TRP B 263 14.69 11.44 -25.84
CA TRP B 263 15.95 11.32 -25.13
C TRP B 263 17.11 12.15 -25.71
N GLN B 264 16.99 12.57 -26.98
CA GLN B 264 17.93 13.53 -27.63
C GLN B 264 18.21 14.88 -26.89
N TRP B 265 17.24 15.43 -26.15
CA TRP B 265 17.57 16.57 -25.21
C TRP B 265 18.90 16.32 -24.44
N TRP B 266 19.40 15.07 -24.56
CA TRP B 266 20.63 14.60 -23.92
C TRP B 266 21.70 14.21 -24.94
N VAL B 267 21.38 13.25 -25.82
CA VAL B 267 22.38 12.71 -26.76
C VAL B 267 22.90 13.78 -27.73
N LYS B 268 21.97 14.54 -28.34
CA LYS B 268 22.31 15.51 -29.38
C LYS B 268 22.63 16.91 -28.86
N LEU B 269 22.67 17.12 -27.53
CA LEU B 269 23.11 18.42 -26.97
C LEU B 269 24.42 18.86 -27.67
N PRO B 270 24.46 20.08 -28.30
CA PRO B 270 25.53 20.55 -29.25
C PRO B 270 27.04 20.46 -28.89
N TRP B 271 27.43 20.51 -27.61
CA TRP B 271 28.85 20.41 -27.17
C TRP B 271 29.46 18.99 -27.21
N TRP B 272 28.93 18.08 -26.37
CA TRP B 272 29.32 16.67 -26.47
C TRP B 272 28.60 15.94 -27.59
N ALA B 273 27.57 16.54 -28.18
CA ALA B 273 26.85 15.91 -29.29
C ALA B 273 27.73 15.38 -30.40
N ASN B 274 28.90 16.00 -30.56
CA ASN B 274 29.77 15.72 -31.71
C ASN B 274 31.05 14.94 -31.44
N ILE B 275 31.43 14.85 -30.16
CA ILE B 275 32.56 14.02 -29.74
C ILE B 275 32.58 12.63 -30.42
N PRO B 276 33.71 12.29 -31.07
CA PRO B 276 33.87 10.92 -31.56
C PRO B 276 33.70 9.86 -30.44
N GLY B 277 32.93 8.80 -30.72
CA GLY B 277 32.86 7.59 -29.87
C GLY B 277 31.58 7.32 -29.08
N GLY B 278 31.64 6.33 -28.19
CA GLY B 278 30.46 5.91 -27.41
C GLY B 278 29.48 5.14 -28.26
N ILE B 279 28.19 5.32 -28.00
CA ILE B 279 27.15 4.62 -28.75
C ILE B 279 26.58 5.51 -29.86
N ASN B 280 26.56 6.83 -29.64
CA ASN B 280 26.05 7.78 -30.63
C ASN B 280 27.13 8.76 -31.12
N GLY B 281 28.15 8.18 -31.75
CA GLY B 281 29.37 8.91 -32.16
C GLY B 281 30.32 8.04 -32.97
N GLU C 1 -8.06 19.52 12.71
CA GLU C 1 -7.38 18.31 12.14
C GLU C 1 -6.87 18.51 10.68
N TYR C 2 -5.57 18.21 10.49
CA TYR C 2 -4.95 18.09 9.15
C TYR C 2 -4.98 16.60 8.69
N GLN C 3 -4.33 16.31 7.55
CA GLN C 3 -4.35 14.99 6.94
C GLN C 3 -3.35 13.88 7.46
N ASN C 4 -2.45 14.24 8.39
CA ASN C 4 -1.41 13.30 8.88
C ASN C 4 -0.51 12.72 7.77
N ILE C 5 -0.24 13.52 6.73
CA ILE C 5 0.65 13.11 5.65
C ILE C 5 2.07 13.58 5.90
N PHE C 6 2.24 14.79 6.40
CA PHE C 6 3.54 15.22 6.92
C PHE C 6 3.28 15.58 8.34
N SER C 7 4.24 15.34 9.21
CA SER C 7 4.11 15.72 10.61
C SER C 7 3.97 17.24 10.69
N GLN C 8 3.42 17.72 11.82
CA GLN C 8 3.24 19.16 12.06
C GLN C 8 4.37 19.66 12.92
N VAL C 9 4.65 18.88 13.97
CA VAL C 9 5.74 19.14 14.88
C VAL C 9 6.59 17.90 15.09
N GLN C 10 7.84 18.00 14.63
CA GLN C 10 8.87 16.98 14.89
C GLN C 10 9.37 17.08 16.29
N VAL C 11 9.58 15.93 16.92
CA VAL C 11 9.99 15.76 18.31
C VAL C 11 11.19 14.84 18.19
N ARG C 12 12.24 15.12 18.96
CA ARG C 12 13.49 14.36 18.82
C ARG C 12 14.01 14.10 20.21
N GLY C 13 14.57 12.93 20.46
CA GLY C 13 15.13 12.57 21.78
C GLY C 13 16.43 11.76 21.58
N PRO C 14 16.98 11.15 22.66
CA PRO C 14 18.12 10.25 22.52
C PRO C 14 17.87 9.22 21.42
N ALA C 15 18.94 8.88 20.67
CA ALA C 15 18.86 7.85 19.61
C ALA C 15 18.52 6.51 20.23
N ASP C 16 17.60 5.80 19.59
CA ASP C 16 17.35 4.42 19.97
C ASP C 16 18.41 3.53 19.32
N LEU C 17 19.10 2.76 20.15
CA LEU C 17 20.18 1.87 19.68
C LEU C 17 19.64 0.50 19.22
N GLY C 18 18.42 0.20 19.63
CA GLY C 18 17.68 -0.92 19.10
C GLY C 18 17.58 -2.04 20.09
N MET C 19 16.77 -3.05 19.74
CA MET C 19 16.65 -4.26 20.58
C MET C 19 17.97 -5.03 20.43
N THR C 20 18.39 -5.72 21.49
CA THR C 20 19.62 -6.53 21.46
C THR C 20 19.34 -7.98 21.14
N GLU C 21 18.45 -8.62 21.90
CA GLU C 21 18.13 -10.02 21.65
C GLU C 21 19.45 -10.82 21.43
N ASP C 22 19.61 -11.47 20.27
CA ASP C 22 20.80 -12.26 20.05
C ASP C 22 21.66 -11.62 19.02
N VAL C 23 21.49 -10.32 18.83
CA VAL C 23 22.26 -9.62 17.82
C VAL C 23 23.68 -9.54 18.35
N ASN C 24 24.65 -9.93 17.52
CA ASN C 24 26.05 -9.70 17.85
C ASN C 24 26.38 -8.22 17.75
N LEU C 25 26.46 -7.53 18.88
CA LEU C 25 26.66 -6.09 18.93
C LEU C 25 28.02 -5.62 18.42
N ALA C 26 28.95 -6.55 18.17
CA ALA C 26 30.29 -6.21 17.61
C ALA C 26 30.13 -5.63 16.23
N ASN C 27 29.10 -6.13 15.54
CA ASN C 27 28.84 -5.79 14.15
C ASN C 27 27.92 -4.59 13.94
N ARG C 28 27.48 -3.93 15.00
CA ARG C 28 26.57 -2.77 14.85
C ARG C 28 27.39 -1.48 14.82
N SER C 29 27.02 -0.55 13.93
CA SER C 29 27.68 0.74 13.85
C SER C 29 27.24 1.66 14.98
N GLY C 30 27.76 2.89 14.96
CA GLY C 30 27.19 3.98 15.78
C GLY C 30 25.96 4.56 15.08
N VAL C 31 25.31 5.50 15.77
CA VAL C 31 24.14 6.20 15.24
C VAL C 31 24.62 7.24 14.21
N GLY C 32 23.85 7.47 13.14
CA GLY C 32 24.19 8.50 12.15
C GLY C 32 23.59 9.83 12.54
N PRO C 33 23.70 10.86 11.67
CA PRO C 33 23.02 12.13 11.96
C PRO C 33 21.49 12.06 11.84
N PHE C 34 20.77 12.87 12.61
CA PHE C 34 19.32 12.95 12.45
C PHE C 34 19.04 13.79 11.24
N SER C 35 17.91 13.57 10.59
CA SER C 35 17.55 14.29 9.38
C SER C 35 16.16 14.87 9.56
N THR C 36 16.11 16.18 9.77
CA THR C 36 14.90 16.95 9.81
C THR C 36 14.11 16.76 8.54
N LEU C 37 14.80 16.65 7.40
CA LEU C 37 14.10 16.50 6.14
C LEU C 37 13.27 15.16 6.13
N LEU C 38 13.93 14.04 6.41
CA LEU C 38 13.25 12.74 6.47
C LEU C 38 12.24 12.80 7.61
N GLY C 39 12.56 13.55 8.68
CA GLY C 39 11.68 13.73 9.84
C GLY C 39 10.22 14.20 9.63
N TRP C 40 9.92 14.88 8.52
CA TRP C 40 8.60 15.38 8.20
C TRP C 40 7.63 14.31 7.67
N PHE C 41 8.16 13.14 7.29
CA PHE C 41 7.41 12.10 6.63
C PHE C 41 7.50 10.80 7.44
N GLY C 42 8.69 10.51 7.97
CA GLY C 42 8.94 9.33 8.83
C GLY C 42 9.86 9.72 9.98
N ASN C 43 10.62 8.75 10.49
CA ASN C 43 11.66 8.95 11.50
C ASN C 43 12.86 9.77 10.99
N ALA C 44 13.46 10.54 11.87
CA ALA C 44 14.59 11.36 11.52
C ALA C 44 15.87 10.58 11.71
N GLN C 45 15.84 9.60 12.61
CA GLN C 45 17.06 8.91 13.02
C GLN C 45 17.70 8.08 11.88
N LEU C 46 19.02 8.20 11.74
CA LEU C 46 19.75 7.46 10.73
C LEU C 46 20.68 6.55 11.53
N GLY C 47 20.74 5.27 11.16
CA GLY C 47 21.57 4.27 11.82
C GLY C 47 20.98 3.77 13.13
N PRO C 48 21.66 2.88 13.84
CA PRO C 48 22.88 2.16 13.45
C PRO C 48 22.56 1.22 12.28
N ILE C 49 23.58 0.74 11.59
CA ILE C 49 23.41 -0.34 10.64
C ILE C 49 24.20 -1.52 11.21
N TYR C 50 23.88 -2.74 10.77
CA TYR C 50 24.63 -3.91 11.16
C TYR C 50 25.47 -4.27 9.97
N LEU C 51 26.70 -4.64 10.21
CA LEU C 51 27.57 -5.03 9.10
C LEU C 51 28.30 -6.26 9.57
N GLY C 52 27.88 -7.43 9.17
CA GLY C 52 28.64 -8.64 9.55
C GLY C 52 29.37 -9.18 8.34
N SER C 53 29.90 -10.40 8.48
CA SER C 53 30.61 -11.09 7.38
C SER C 53 29.84 -11.15 6.07
N LEU C 54 28.59 -11.58 6.14
CA LEU C 54 27.74 -11.68 4.97
C LEU C 54 27.44 -10.32 4.36
N GLY C 55 27.16 -9.30 5.16
CA GLY C 55 26.96 -7.90 4.64
C GLY C 55 28.19 -7.28 3.94
N VAL C 56 29.38 -7.55 4.46
CA VAL C 56 30.67 -7.10 3.87
C VAL C 56 30.95 -7.81 2.54
N LEU C 57 30.74 -9.12 2.54
CA LEU C 57 30.78 -9.91 1.35
C LEU C 57 29.78 -9.36 0.36
N SER C 58 28.57 -8.99 0.85
CA SER C 58 27.50 -8.58 -0.08
C SER C 58 27.86 -7.26 -0.75
N LEU C 59 28.31 -6.35 0.09
CA LEU C 59 28.69 -5.02 -0.32
C LEU C 59 29.91 -5.10 -1.26
N PHE C 60 30.89 -5.90 -0.86
CA PHE C 60 32.06 -6.12 -1.69
C PHE C 60 31.74 -6.67 -3.10
N SER C 61 30.93 -7.73 -3.23
CA SER C 61 30.63 -8.23 -4.58
C SER C 61 29.65 -7.37 -5.35
N GLY C 62 28.79 -6.64 -4.64
CA GLY C 62 27.96 -5.66 -5.28
C GLY C 62 28.74 -4.47 -5.85
N LEU C 63 29.69 -3.93 -5.09
CA LEU C 63 30.63 -2.90 -5.60
C LEU C 63 31.41 -3.47 -6.81
N MET C 64 31.80 -4.76 -6.76
CA MET C 64 32.54 -5.39 -7.88
C MET C 64 31.66 -5.57 -9.11
N TRP C 65 30.36 -5.83 -8.89
CA TRP C 65 29.40 -5.88 -9.99
C TRP C 65 29.30 -4.51 -10.65
N PHE C 66 29.12 -3.49 -9.82
CA PHE C 66 29.05 -2.10 -10.22
C PHE C 66 30.30 -1.64 -11.02
N PHE C 67 31.47 -1.97 -10.51
CA PHE C 67 32.74 -1.59 -11.17
C PHE C 67 33.07 -2.40 -12.42
N THR C 68 32.62 -3.67 -12.49
CA THR C 68 32.70 -4.45 -13.76
C THR C 68 31.83 -3.82 -14.85
N ILE C 69 30.65 -3.36 -14.47
CA ILE C 69 29.78 -2.64 -15.41
C ILE C 69 30.42 -1.28 -15.76
N GLY C 70 30.93 -0.59 -14.73
CA GLY C 70 31.59 0.70 -14.84
C GLY C 70 32.79 0.70 -15.76
N ILE C 71 33.78 -0.15 -15.50
CA ILE C 71 34.96 -0.30 -16.37
C ILE C 71 34.55 -0.61 -17.81
N TRP C 72 33.55 -1.46 -18.02
CA TRP C 72 33.05 -1.66 -19.38
C TRP C 72 32.45 -0.38 -20.02
N PHE C 73 31.76 0.43 -19.23
CA PHE C 73 31.07 1.62 -19.75
C PHE C 73 32.11 2.67 -20.18
N TRP C 74 33.16 2.87 -19.37
CA TRP C 74 34.26 3.76 -19.72
C TRP C 74 35.00 3.27 -20.97
N TYR C 75 35.21 1.97 -21.09
CA TYR C 75 35.78 1.41 -22.29
C TYR C 75 34.87 1.63 -23.52
N GLN C 76 33.55 1.60 -23.33
CA GLN C 76 32.65 1.91 -24.45
C GLN C 76 32.72 3.42 -24.76
N ALA C 77 33.02 4.21 -23.74
CA ALA C 77 33.09 5.66 -23.86
C ALA C 77 34.44 6.13 -24.45
N GLY C 78 35.37 5.20 -24.64
CA GLY C 78 36.75 5.52 -25.05
C GLY C 78 37.46 6.32 -23.98
N TRP C 79 37.07 6.10 -22.72
CA TRP C 79 37.77 6.72 -21.58
C TRP C 79 37.53 8.22 -21.50
N ASN C 80 36.58 8.69 -22.31
CA ASN C 80 36.23 10.12 -22.40
C ASN C 80 35.03 10.50 -21.53
N PRO C 81 35.26 11.27 -20.45
CA PRO C 81 34.18 11.71 -19.55
C PRO C 81 32.91 12.26 -20.21
N ALA C 82 33.03 13.11 -21.23
CA ALA C 82 31.85 13.69 -21.90
C ALA C 82 31.06 12.69 -22.78
N VAL C 83 31.73 11.71 -23.36
CA VAL C 83 31.04 10.59 -23.99
C VAL C 83 30.42 9.64 -22.92
N PHE C 84 31.07 9.55 -21.75
CA PHE C 84 30.54 8.80 -20.63
C PHE C 84 29.19 9.34 -20.15
N LEU C 85 29.12 10.64 -19.83
CA LEU C 85 27.84 11.22 -19.43
C LEU C 85 26.83 11.25 -20.57
N ARG C 86 27.26 11.57 -21.79
CA ARG C 86 26.35 11.66 -22.92
C ARG C 86 25.58 10.35 -23.12
N ASP C 87 26.31 9.24 -23.15
CA ASP C 87 25.74 7.96 -23.49
C ASP C 87 25.50 7.02 -22.29
N LEU C 88 25.58 7.54 -21.05
CA LEU C 88 25.47 6.72 -19.85
C LEU C 88 24.40 5.63 -19.91
N PHE C 89 23.22 5.96 -20.47
CA PHE C 89 22.02 5.09 -20.52
C PHE C 89 21.95 4.23 -21.76
N PHE C 90 22.84 4.49 -22.72
CA PHE C 90 22.92 3.72 -23.93
C PHE C 90 24.00 2.64 -23.80
N PHE C 91 24.94 2.78 -22.88
CA PHE C 91 25.96 1.75 -22.68
C PHE C 91 25.31 0.44 -22.27
N SER C 92 25.86 -0.67 -22.77
CA SER C 92 25.34 -1.97 -22.42
C SER C 92 26.46 -2.99 -22.26
N LEU C 93 26.43 -3.77 -21.17
CA LEU C 93 27.31 -4.92 -20.99
C LEU C 93 26.44 -6.09 -21.34
N GLU C 94 26.73 -6.68 -22.50
CA GLU C 94 25.89 -7.68 -23.11
C GLU C 94 26.44 -9.08 -22.81
N PRO C 95 25.54 -10.09 -22.72
CA PRO C 95 25.96 -11.46 -22.54
C PRO C 95 26.71 -11.99 -23.78
N PRO C 96 27.41 -13.15 -23.64
CA PRO C 96 28.03 -13.87 -24.78
C PRO C 96 27.03 -14.14 -25.89
N ALA C 97 27.50 -13.96 -27.13
CA ALA C 97 26.75 -14.30 -28.35
C ALA C 97 26.25 -15.76 -28.30
N PRO C 98 25.17 -16.09 -29.04
CA PRO C 98 24.60 -17.46 -29.02
C PRO C 98 25.59 -18.62 -29.30
N GLU C 99 26.65 -18.33 -30.05
CA GLU C 99 27.61 -19.37 -30.46
C GLU C 99 28.52 -19.85 -29.34
N TYR C 100 28.62 -19.12 -28.23
CA TYR C 100 29.37 -19.60 -27.07
C TYR C 100 28.50 -20.47 -26.19
N GLY C 101 27.25 -20.67 -26.58
CA GLY C 101 26.32 -21.49 -25.80
C GLY C 101 26.40 -21.18 -24.31
N LEU C 102 26.53 -22.21 -23.49
CA LEU C 102 26.60 -22.01 -22.03
C LEU C 102 28.02 -21.93 -21.51
N SER C 103 28.96 -21.63 -22.40
CA SER C 103 30.37 -21.75 -22.12
C SER C 103 30.89 -20.58 -21.32
N PHE C 104 31.87 -20.87 -20.48
CA PHE C 104 32.51 -19.81 -19.75
C PHE C 104 33.77 -19.30 -20.45
N ALA C 105 33.92 -19.66 -21.72
CA ALA C 105 35.15 -19.41 -22.47
C ALA C 105 35.02 -18.28 -23.47
N ALA C 106 33.96 -17.49 -23.36
CA ALA C 106 33.78 -16.24 -24.13
C ALA C 106 34.86 -15.20 -23.80
N PRO C 107 35.45 -14.57 -24.83
CA PRO C 107 36.46 -13.53 -24.60
C PRO C 107 35.92 -12.39 -23.78
N LEU C 108 36.78 -11.81 -22.95
CA LEU C 108 36.46 -10.73 -22.02
C LEU C 108 35.62 -9.64 -22.69
N LYS C 109 35.87 -9.36 -23.97
CA LYS C 109 35.09 -8.33 -24.66
C LYS C 109 33.86 -8.80 -25.41
N GLU C 110 33.64 -10.11 -25.52
CA GLU C 110 32.40 -10.59 -26.14
C GLU C 110 31.59 -11.49 -25.24
N GLY C 111 31.48 -11.10 -23.97
CA GLY C 111 30.57 -11.76 -23.04
C GLY C 111 31.20 -12.15 -21.74
N GLY C 112 32.52 -12.24 -21.73
CA GLY C 112 33.25 -12.69 -20.58
C GLY C 112 33.10 -11.74 -19.41
N LEU C 113 33.06 -10.44 -19.68
CA LEU C 113 32.93 -9.48 -18.59
C LEU C 113 31.47 -9.48 -18.04
N TRP C 114 30.49 -9.82 -18.89
CA TRP C 114 29.10 -10.06 -18.49
C TRP C 114 29.03 -11.25 -17.55
N LEU C 115 29.80 -12.32 -17.83
CA LEU C 115 29.80 -13.48 -16.95
C LEU C 115 30.38 -13.14 -15.58
N ILE C 116 31.44 -12.34 -15.60
CA ILE C 116 32.15 -11.95 -14.41
C ILE C 116 31.29 -11.05 -13.54
N ALA C 117 30.68 -10.05 -14.20
CA ALA C 117 29.71 -9.12 -13.59
C ALA C 117 28.56 -9.92 -12.96
N SER C 118 28.05 -10.93 -13.68
CA SER C 118 26.99 -11.78 -13.17
C SER C 118 27.38 -12.59 -11.94
N PHE C 119 28.60 -13.13 -11.95
CA PHE C 119 29.10 -13.89 -10.83
C PHE C 119 28.97 -13.03 -9.61
N PHE C 120 29.47 -11.79 -9.73
CA PHE C 120 29.47 -10.80 -8.68
C PHE C 120 28.03 -10.38 -8.24
N MET C 121 27.11 -10.25 -9.21
CA MET C 121 25.73 -9.97 -8.88
C MET C 121 25.11 -11.15 -8.09
N PHE C 122 25.42 -12.36 -8.51
CA PHE C 122 24.90 -13.58 -7.90
C PHE C 122 25.36 -13.71 -6.45
N VAL C 123 26.66 -13.52 -6.17
CA VAL C 123 27.17 -13.57 -4.81
C VAL C 123 26.55 -12.46 -3.94
N ALA C 124 26.36 -11.26 -4.50
CA ALA C 124 25.84 -10.08 -3.77
C ALA C 124 24.40 -10.25 -3.27
N VAL C 125 23.55 -10.78 -4.13
CA VAL C 125 22.12 -11.00 -3.84
C VAL C 125 21.86 -12.17 -2.87
N TRP C 126 22.58 -13.26 -3.05
CA TRP C 126 22.41 -14.41 -2.20
C TRP C 126 22.99 -14.16 -0.79
N SER C 127 24.08 -13.39 -0.70
CA SER C 127 24.61 -12.93 0.59
C SER C 127 23.63 -12.00 1.27
N TRP C 128 23.11 -11.03 0.52
CA TRP C 128 22.04 -10.15 1.04
C TRP C 128 20.83 -10.97 1.49
N TRP C 129 20.42 -11.97 0.71
CA TRP C 129 19.35 -12.88 1.16
C TRP C 129 19.66 -13.56 2.52
N GLY C 130 20.84 -14.15 2.69
CA GLY C 130 21.17 -14.80 3.99
C GLY C 130 21.14 -13.75 5.08
N ARG C 131 21.65 -12.56 4.76
CA ARG C 131 21.53 -11.41 5.66
C ARG C 131 20.07 -11.01 6.09
N THR C 132 19.08 -11.01 5.20
CA THR C 132 17.70 -10.67 5.65
C THR C 132 17.15 -11.76 6.60
N TYR C 133 17.63 -13.01 6.35
CA TYR C 133 17.26 -14.15 7.15
C TYR C 133 17.96 -14.05 8.48
N LEU C 134 19.28 -13.83 8.48
CA LEU C 134 20.07 -13.77 9.74
C LEU C 134 19.70 -12.61 10.67
N ARG C 135 19.31 -11.46 10.12
CA ARG C 135 18.92 -10.27 10.95
C ARG C 135 17.60 -10.51 11.69
N ALA C 136 16.61 -11.08 10.99
CA ALA C 136 15.39 -11.67 11.63
C ALA C 136 15.68 -12.70 12.69
N GLN C 137 16.45 -13.71 12.37
CA GLN C 137 16.80 -14.73 13.36
C GLN C 137 17.45 -14.16 14.66
N ALA C 138 18.41 -13.26 14.48
CA ALA C 138 19.12 -12.68 15.63
C ALA C 138 18.13 -11.93 16.49
N LEU C 139 17.09 -11.36 15.90
CA LEU C 139 16.06 -10.69 16.70
C LEU C 139 14.91 -11.59 17.23
N GLY C 140 14.95 -12.90 16.97
CA GLY C 140 13.85 -13.80 17.34
C GLY C 140 12.59 -13.65 16.49
N MET C 141 12.68 -13.05 15.31
CA MET C 141 11.47 -12.73 14.53
C MET C 141 11.21 -13.84 13.52
N GLY C 142 10.01 -13.88 12.97
CA GLY C 142 9.71 -14.69 11.81
C GLY C 142 10.58 -14.40 10.60
N LYS C 143 10.58 -15.34 9.67
CA LYS C 143 11.46 -15.26 8.52
C LYS C 143 10.69 -14.79 7.30
N HIS C 144 9.63 -14.01 7.50
CA HIS C 144 8.75 -13.54 6.39
C HIS C 144 9.44 -12.65 5.37
N THR C 145 10.35 -11.77 5.85
CA THR C 145 11.03 -10.85 4.96
C THR C 145 11.95 -11.65 4.00
N ALA C 146 12.79 -12.59 4.52
CA ALA C 146 13.63 -13.51 3.69
C ALA C 146 12.81 -14.34 2.69
N TRP C 147 11.67 -14.86 3.15
CA TRP C 147 10.69 -15.58 2.32
C TRP C 147 10.09 -14.72 1.16
N ALA C 148 9.67 -13.49 1.46
CA ALA C 148 9.17 -12.57 0.46
C ALA C 148 10.31 -12.20 -0.48
N PHE C 149 11.53 -11.92 0.05
CA PHE C 149 12.70 -11.63 -0.81
C PHE C 149 12.94 -12.74 -1.82
N LEU C 150 12.77 -14.00 -1.44
CA LEU C 150 12.99 -15.08 -2.40
C LEU C 150 12.06 -15.01 -3.59
N SER C 151 10.89 -14.38 -3.45
CA SER C 151 10.01 -14.29 -4.60
C SER C 151 10.58 -13.33 -5.66
N ALA C 152 11.14 -12.21 -5.18
CA ALA C 152 11.82 -11.27 -6.11
C ALA C 152 13.02 -11.99 -6.76
N ILE C 153 13.85 -12.63 -5.92
CA ILE C 153 15.02 -13.41 -6.37
C ILE C 153 14.63 -14.42 -7.45
N TRP C 154 13.52 -15.12 -7.26
CA TRP C 154 13.05 -16.11 -8.22
C TRP C 154 12.95 -15.54 -9.68
N LEU C 155 12.33 -14.37 -9.81
CA LEU C 155 12.19 -13.68 -11.11
C LEU C 155 13.59 -13.37 -11.70
N TRP C 156 14.41 -12.70 -10.91
CA TRP C 156 15.76 -12.35 -11.31
C TRP C 156 16.53 -13.61 -11.68
N MET C 157 16.37 -14.70 -10.89
CA MET C 157 17.05 -15.99 -11.19
C MET C 157 16.56 -16.57 -12.52
N VAL C 158 15.24 -16.52 -12.75
CA VAL C 158 14.68 -16.99 -14.00
C VAL C 158 15.25 -16.19 -15.19
N LEU C 159 15.26 -14.88 -15.09
CA LEU C 159 15.68 -14.00 -16.19
C LEU C 159 17.15 -14.15 -16.59
N GLY C 160 18.00 -14.30 -15.59
CA GLY C 160 19.44 -14.26 -15.77
C GLY C 160 20.11 -15.63 -15.84
N PHE C 161 19.51 -16.66 -15.24
CA PHE C 161 20.22 -17.88 -14.97
C PHE C 161 19.43 -19.12 -15.35
N ILE C 162 18.28 -19.32 -14.71
CA ILE C 162 17.56 -20.56 -14.96
C ILE C 162 17.04 -20.68 -16.39
N ARG C 163 16.38 -19.64 -16.88
CA ARG C 163 15.90 -19.64 -18.29
C ARG C 163 17.05 -19.72 -19.33
N PRO C 164 18.10 -18.85 -19.24
CA PRO C 164 19.21 -19.02 -20.19
C PRO C 164 19.88 -20.41 -20.23
N ILE C 165 20.04 -21.04 -19.07
CA ILE C 165 20.59 -22.39 -19.00
C ILE C 165 19.71 -23.39 -19.72
N LEU C 166 18.39 -23.32 -19.49
CA LEU C 166 17.42 -24.25 -20.07
C LEU C 166 17.28 -24.05 -21.58
N MET C 167 17.60 -22.84 -22.05
CA MET C 167 17.50 -22.44 -23.44
C MET C 167 18.77 -22.79 -24.19
N GLY C 168 19.88 -22.98 -23.48
CA GLY C 168 21.12 -23.40 -24.10
C GLY C 168 22.22 -22.38 -24.25
N SER C 169 21.97 -21.10 -23.94
CA SER C 169 22.99 -20.04 -24.08
C SER C 169 22.74 -18.84 -23.18
N TRP C 170 23.82 -18.29 -22.65
CA TRP C 170 23.83 -17.06 -21.89
C TRP C 170 23.27 -15.89 -22.68
N SER C 171 23.23 -16.01 -24.01
CA SER C 171 22.77 -14.94 -24.89
C SER C 171 21.31 -14.58 -24.62
N GLU C 172 20.56 -15.53 -24.05
CA GLU C 172 19.17 -15.31 -23.61
C GLU C 172 19.02 -14.41 -22.37
N ALA C 173 20.11 -14.14 -21.64
CA ALA C 173 20.05 -13.37 -20.39
C ALA C 173 19.90 -11.88 -20.67
N VAL C 174 19.63 -11.09 -19.62
CA VAL C 174 19.29 -9.68 -19.73
C VAL C 174 20.61 -8.93 -19.71
N PRO C 175 20.82 -8.01 -20.65
CA PRO C 175 22.06 -7.20 -20.58
C PRO C 175 22.04 -6.18 -19.43
N TYR C 176 23.23 -5.76 -19.01
CA TYR C 176 23.40 -4.70 -18.03
C TYR C 176 23.47 -3.37 -18.80
N GLY C 177 22.30 -2.83 -19.14
CA GLY C 177 22.17 -1.43 -19.52
C GLY C 177 20.81 -0.87 -19.20
N ILE C 178 20.75 0.43 -18.90
CA ILE C 178 19.48 1.14 -18.67
C ILE C 178 18.57 0.99 -19.87
N PHE C 179 18.97 1.56 -21.01
CA PHE C 179 18.10 1.45 -22.20
C PHE C 179 18.06 0.06 -22.81
N SER C 180 19.23 -0.62 -22.84
CA SER C 180 19.30 -1.95 -23.47
C SER C 180 18.39 -3.05 -22.81
N HIS C 181 18.25 -3.03 -21.49
CA HIS C 181 17.33 -3.95 -20.81
C HIS C 181 15.84 -3.64 -21.12
N LEU C 182 15.51 -2.37 -21.30
CA LEU C 182 14.20 -1.99 -21.85
C LEU C 182 14.03 -2.64 -23.24
N ASP C 183 15.03 -2.50 -24.10
CA ASP C 183 14.93 -3.12 -25.45
C ASP C 183 14.82 -4.63 -25.37
N TRP C 184 15.61 -5.27 -24.50
CA TRP C 184 15.52 -6.73 -24.30
C TRP C 184 14.07 -7.15 -23.95
N THR C 185 13.45 -6.42 -23.03
CA THR C 185 12.06 -6.66 -22.56
C THR C 185 11.02 -6.60 -23.65
N ASN C 186 11.08 -5.54 -24.45
CA ASN C 186 10.24 -5.43 -25.65
C ASN C 186 10.53 -6.52 -26.64
N ASN C 187 11.81 -6.81 -26.90
CA ASN C 187 12.13 -7.91 -27.85
C ASN C 187 11.66 -9.25 -27.36
N PHE C 188 11.75 -9.48 -26.04
CA PHE C 188 11.28 -10.70 -25.42
C PHE C 188 9.83 -10.98 -25.75
N SER C 189 8.99 -9.98 -25.54
CA SER C 189 7.55 -10.12 -25.79
C SER C 189 7.27 -10.36 -27.27
N LEU C 190 7.97 -9.63 -28.15
CA LEU C 190 7.79 -9.76 -29.60
C LEU C 190 8.12 -11.18 -30.10
N VAL C 191 9.28 -11.70 -29.73
CA VAL C 191 9.66 -13.05 -30.15
C VAL C 191 8.80 -14.12 -29.51
N HIS C 192 8.25 -13.87 -28.32
CA HIS C 192 7.37 -14.89 -27.72
C HIS C 192 5.89 -14.71 -28.03
N GLY C 193 5.62 -14.00 -29.13
CA GLY C 193 4.23 -13.94 -29.61
C GLY C 193 3.32 -13.14 -28.69
N ASN C 194 3.84 -12.03 -28.16
CA ASN C 194 3.02 -11.11 -27.35
C ASN C 194 2.75 -11.58 -25.90
N LEU C 195 3.50 -11.03 -24.96
CA LEU C 195 3.43 -11.49 -23.56
C LEU C 195 2.12 -11.13 -22.86
N PHE C 196 1.31 -10.22 -23.42
CA PHE C 196 -0.05 -9.99 -22.90
C PHE C 196 -0.84 -11.29 -22.86
N TYR C 197 -0.53 -12.22 -23.75
CA TYR C 197 -1.30 -13.45 -23.85
C TYR C 197 -0.73 -14.61 -22.99
N ASN C 198 0.40 -14.31 -22.31
CA ASN C 198 0.95 -15.20 -21.30
C ASN C 198 0.09 -15.08 -20.05
N PRO C 199 -0.69 -16.12 -19.70
CA PRO C 199 -1.59 -15.93 -18.57
C PRO C 199 -0.84 -15.64 -17.24
N PHE C 200 0.38 -16.15 -17.04
CA PHE C 200 1.17 -15.79 -15.87
C PHE C 200 1.59 -14.30 -15.87
N HIS C 201 1.75 -13.72 -17.05
CA HIS C 201 2.00 -12.28 -17.19
C HIS C 201 0.76 -11.47 -16.83
N GLY C 202 -0.45 -11.92 -17.20
CA GLY C 202 -1.67 -11.21 -16.83
C GLY C 202 -1.98 -11.29 -15.32
N LEU C 203 -1.61 -12.44 -14.71
CA LEU C 203 -1.68 -12.59 -13.26
C LEU C 203 -0.63 -11.70 -12.57
N SER C 204 0.62 -11.70 -13.04
CA SER C 204 1.62 -10.80 -12.50
C SER C 204 1.11 -9.33 -12.49
N ILE C 205 0.41 -8.94 -13.55
CA ILE C 205 -0.16 -7.57 -13.65
C ILE C 205 -1.31 -7.37 -12.70
N ALA C 206 -2.29 -8.27 -12.66
CA ALA C 206 -3.32 -8.21 -11.62
C ALA C 206 -2.78 -8.00 -10.20
N PHE C 207 -1.66 -8.67 -9.91
CA PHE C 207 -1.01 -8.57 -8.59
C PHE C 207 -0.20 -7.30 -8.47
N LEU C 208 0.39 -6.77 -9.56
CA LEU C 208 1.14 -5.49 -9.50
C LEU C 208 0.17 -4.30 -9.27
N TYR C 209 -0.89 -4.26 -10.09
CA TYR C 209 -1.98 -3.29 -9.94
C TYR C 209 -2.63 -3.49 -8.56
N GLY C 210 -2.94 -4.75 -8.20
CA GLY C 210 -3.56 -5.10 -6.90
C GLY C 210 -2.71 -4.71 -5.69
N SER C 211 -1.38 -4.69 -5.84
CA SER C 211 -0.47 -4.17 -4.85
C SER C 211 -0.65 -2.67 -4.62
N ALA C 212 -0.86 -1.93 -5.71
CA ALA C 212 -1.03 -0.48 -5.60
C ALA C 212 -2.42 -0.20 -5.03
N LEU C 213 -3.44 -0.96 -5.47
CA LEU C 213 -4.78 -0.95 -4.89
C LEU C 213 -4.74 -1.18 -3.41
N LEU C 214 -4.12 -2.30 -3.01
CA LEU C 214 -4.04 -2.70 -1.61
C LEU C 214 -3.21 -1.76 -0.74
N PHE C 215 -2.03 -1.30 -1.19
CA PHE C 215 -1.30 -0.37 -0.34
C PHE C 215 -1.99 1.02 -0.31
N ALA C 216 -2.60 1.48 -1.40
CA ALA C 216 -3.42 2.70 -1.30
C ALA C 216 -4.57 2.51 -0.28
N MET C 217 -5.30 1.37 -0.38
CA MET C 217 -6.41 1.07 0.54
C MET C 217 -5.95 1.05 1.99
N HIS C 218 -4.87 0.31 2.22
CA HIS C 218 -4.34 0.10 3.56
C HIS C 218 -3.60 1.31 4.10
N GLY C 219 -2.75 1.95 3.29
CA GLY C 219 -2.07 3.18 3.71
C GLY C 219 -3.10 4.22 4.12
N ALA C 220 -4.15 4.38 3.32
CA ALA C 220 -5.19 5.39 3.59
C ALA C 220 -5.98 5.00 4.81
N THR C 221 -6.22 3.70 4.96
CA THR C 221 -7.05 3.23 6.09
C THR C 221 -6.35 3.54 7.39
N ILE C 222 -5.03 3.27 7.47
CA ILE C 222 -4.32 3.41 8.73
C ILE C 222 -4.19 4.90 9.09
N LEU C 223 -3.92 5.73 8.11
CA LEU C 223 -3.94 7.18 8.35
C LEU C 223 -5.31 7.71 8.78
N ALA C 224 -6.41 7.27 8.13
CA ALA C 224 -7.79 7.52 8.56
C ALA C 224 -8.10 7.19 9.99
N VAL C 225 -7.51 6.10 10.51
CA VAL C 225 -7.66 5.72 11.94
C VAL C 225 -6.43 6.00 12.81
N SER C 226 -5.50 6.82 12.31
CA SER C 226 -4.35 7.24 13.17
C SER C 226 -4.80 8.12 14.37
N ARG C 227 -5.90 8.88 14.19
CA ARG C 227 -6.55 9.57 15.31
C ARG C 227 -6.88 8.67 16.51
N PHE C 228 -6.79 7.34 16.33
CA PHE C 228 -7.01 6.32 17.36
C PHE C 228 -5.77 5.41 17.55
N GLY C 229 -4.61 5.84 17.09
CA GLY C 229 -3.41 5.04 17.30
C GLY C 229 -3.43 3.85 16.35
N GLY C 230 -4.11 3.96 15.22
CA GLY C 230 -4.23 2.76 14.33
C GLY C 230 -2.93 2.21 13.76
N GLU C 231 -1.94 3.06 13.59
CA GLU C 231 -0.62 2.59 13.09
C GLU C 231 0.19 1.80 14.14
N ARG C 232 -0.26 1.74 15.39
CA ARG C 232 0.40 0.89 16.33
C ARG C 232 -0.18 -0.53 16.13
N GLU C 233 0.15 -1.13 14.99
CA GLU C 233 -0.59 -2.33 14.54
C GLU C 233 -0.44 -3.57 15.41
N LEU C 234 0.76 -3.75 15.96
CA LEU C 234 1.06 -4.91 16.81
C LEU C 234 0.24 -4.92 18.08
N GLU C 235 0.09 -3.77 18.74
CA GLU C 235 -0.76 -3.79 19.96
C GLU C 235 -2.22 -3.81 19.59
N GLN C 236 -2.60 -3.35 18.40
CA GLN C 236 -3.99 -3.53 17.98
C GLN C 236 -4.24 -5.01 17.68
N ILE C 237 -3.23 -5.78 17.27
CA ILE C 237 -3.38 -7.22 17.01
C ILE C 237 -3.54 -7.96 18.37
N ALA C 238 -2.68 -7.59 19.31
CA ALA C 238 -2.70 -8.18 20.69
C ALA C 238 -3.94 -7.78 21.46
N ASP C 239 -4.54 -6.64 21.10
CA ASP C 239 -5.63 -6.08 21.93
C ASP C 239 -6.42 -5.08 21.11
N ARG C 240 -7.26 -5.61 20.25
CA ARG C 240 -8.11 -4.82 19.35
C ARG C 240 -8.69 -3.54 19.98
N GLY C 241 -8.48 -2.45 19.28
CA GLY C 241 -8.98 -1.18 19.76
C GLY C 241 -10.00 -0.63 18.78
N THR C 242 -10.58 0.54 19.07
CA THR C 242 -11.55 1.11 18.18
C THR C 242 -10.92 1.47 16.83
N ALA C 243 -9.61 1.74 16.75
CA ALA C 243 -9.00 1.92 15.39
C ALA C 243 -9.26 0.73 14.48
N ALA C 244 -8.94 -0.48 14.96
CA ALA C 244 -9.01 -1.71 14.14
C ALA C 244 -10.46 -2.02 13.83
N GLU C 245 -11.38 -1.70 14.75
CA GLU C 245 -12.81 -1.96 14.55
C GLU C 245 -13.41 -1.01 13.51
N ARG C 246 -13.05 0.28 13.56
CA ARG C 246 -13.58 1.27 12.59
C ARG C 246 -13.02 1.05 11.19
N ALA C 247 -11.76 0.60 11.15
CA ALA C 247 -11.12 0.25 9.87
C ALA C 247 -11.79 -0.95 9.23
N ALA C 248 -11.99 -2.00 10.03
CA ALA C 248 -12.71 -3.17 9.54
C ALA C 248 -14.13 -2.81 9.08
N LEU C 249 -14.89 -2.04 9.87
CA LEU C 249 -16.25 -1.64 9.46
C LEU C 249 -16.30 -0.72 8.25
N PHE C 250 -15.34 0.20 8.12
CA PHE C 250 -15.29 0.97 6.90
C PHE C 250 -15.36 -0.01 5.71
N TRP C 251 -14.50 -1.04 5.68
CA TRP C 251 -14.50 -1.94 4.54
C TRP C 251 -15.71 -2.87 4.48
N ARG C 252 -16.14 -3.32 5.62
CA ARG C 252 -17.28 -4.19 5.63
C ARG C 252 -18.52 -3.46 5.05
N TRP C 253 -18.70 -2.19 5.44
CA TRP C 253 -19.86 -1.43 4.97
C TRP C 253 -19.70 -0.98 3.53
N THR C 254 -18.47 -0.72 3.09
CA THR C 254 -18.15 -0.38 1.69
C THR C 254 -18.29 -1.58 0.73
N MET C 255 -17.59 -2.68 1.03
CA MET C 255 -17.52 -3.79 0.09
C MET C 255 -18.05 -5.11 0.59
N GLY C 256 -18.63 -5.16 1.79
CA GLY C 256 -19.23 -6.43 2.18
C GLY C 256 -18.40 -7.41 3.02
N PHE C 257 -17.07 -7.22 3.06
CA PHE C 257 -16.24 -8.01 3.93
C PHE C 257 -15.03 -7.21 4.36
N ASN C 258 -14.22 -7.78 5.22
CA ASN C 258 -13.14 -6.99 5.84
C ASN C 258 -12.02 -7.89 6.37
N ALA C 259 -10.96 -7.23 6.80
CA ALA C 259 -9.80 -7.89 7.30
C ALA C 259 -9.72 -7.68 8.79
N THR C 260 -8.67 -8.22 9.38
CA THR C 260 -8.26 -7.89 10.69
C THR C 260 -6.90 -7.17 10.59
N MET C 261 -6.50 -6.56 11.70
CA MET C 261 -5.25 -5.86 11.80
C MET C 261 -4.05 -6.78 11.44
N GLU C 262 -4.06 -8.06 11.88
CA GLU C 262 -3.02 -8.98 11.47
C GLU C 262 -3.24 -9.45 10.04
N GLY C 263 -4.45 -9.89 9.71
CA GLY C 263 -4.72 -10.54 8.43
C GLY C 263 -4.59 -9.66 7.23
N ILE C 264 -4.85 -8.35 7.38
CA ILE C 264 -4.54 -7.40 6.25
C ILE C 264 -3.07 -7.51 5.81
N HIS C 265 -2.18 -7.82 6.76
CA HIS C 265 -0.78 -8.08 6.44
C HIS C 265 -0.50 -9.36 5.74
N ARG C 266 -1.42 -10.34 5.80
CA ARG C 266 -1.29 -11.56 5.01
C ARG C 266 -1.76 -11.34 3.57
N TRP C 267 -2.89 -10.63 3.39
CA TRP C 267 -3.33 -10.15 2.07
C TRP C 267 -2.19 -9.40 1.38
N ALA C 268 -1.55 -8.50 2.14
CA ALA C 268 -0.46 -7.66 1.63
C ALA C 268 0.79 -8.42 1.17
N ILE C 269 1.33 -9.31 2.01
CA ILE C 269 2.54 -10.04 1.66
C ILE C 269 2.29 -10.95 0.45
N TRP C 270 1.13 -11.60 0.42
CA TRP C 270 0.73 -12.42 -0.73
C TRP C 270 0.44 -11.65 -2.01
N MET C 271 -0.26 -10.52 -1.91
CA MET C 271 -0.50 -9.73 -3.09
C MET C 271 0.84 -9.36 -3.79
N ALA C 272 1.80 -8.87 -3.02
CA ALA C 272 3.09 -8.46 -3.54
C ALA C 272 3.95 -9.63 -4.02
N VAL C 273 4.09 -10.66 -3.19
CA VAL C 273 4.91 -11.83 -3.49
C VAL C 273 4.47 -12.52 -4.84
N LEU C 274 3.16 -12.57 -5.07
CA LEU C 274 2.60 -13.18 -6.29
C LEU C 274 2.97 -12.51 -7.62
N VAL C 275 3.35 -11.23 -7.58
CA VAL C 275 3.82 -10.50 -8.73
C VAL C 275 4.98 -11.24 -9.38
N THR C 276 6.04 -11.46 -8.59
CA THR C 276 7.25 -12.07 -9.14
C THR C 276 7.17 -13.62 -9.11
N LEU C 277 6.25 -14.15 -8.30
CA LEU C 277 6.04 -15.58 -8.30
C LEU C 277 5.41 -16.02 -9.62
N THR C 278 4.27 -15.43 -9.97
CA THR C 278 3.66 -15.73 -11.26
C THR C 278 4.56 -15.20 -12.41
N GLY C 279 5.11 -14.02 -12.25
CA GLY C 279 6.04 -13.51 -13.24
C GLY C 279 7.17 -14.47 -13.56
N GLY C 280 7.84 -15.01 -12.55
CA GLY C 280 8.92 -15.96 -12.80
C GLY C 280 8.48 -17.20 -13.58
N ILE C 281 7.28 -17.74 -13.27
CA ILE C 281 6.75 -18.91 -13.91
C ILE C 281 6.49 -18.58 -15.41
N GLY C 282 5.88 -17.43 -15.72
CA GLY C 282 5.57 -17.03 -17.09
C GLY C 282 6.79 -16.83 -17.94
N ILE C 283 7.84 -16.19 -17.42
CA ILE C 283 9.11 -16.07 -18.15
C ILE C 283 9.80 -17.47 -18.37
N LEU C 284 9.85 -18.28 -17.30
CA LEU C 284 10.43 -19.61 -17.32
C LEU C 284 9.85 -20.50 -18.41
N LEU C 285 8.53 -20.43 -18.59
CA LEU C 285 7.80 -21.18 -19.61
C LEU C 285 7.97 -20.62 -21.03
N SER C 286 8.50 -19.40 -21.16
CA SER C 286 8.56 -18.76 -22.46
C SER C 286 9.78 -19.26 -23.21
N GLY C 287 9.51 -19.90 -24.35
CA GLY C 287 10.56 -20.41 -25.27
C GLY C 287 11.05 -21.81 -24.86
N THR C 288 10.95 -22.16 -23.58
CA THR C 288 11.28 -23.51 -23.12
C THR C 288 10.09 -24.42 -23.42
N VAL C 289 8.89 -23.88 -23.25
CA VAL C 289 7.68 -24.67 -23.32
C VAL C 289 6.71 -24.06 -24.35
N VAL C 290 6.53 -22.74 -24.31
CA VAL C 290 5.65 -22.03 -25.23
C VAL C 290 6.46 -21.02 -26.05
N ASP C 291 6.40 -21.15 -27.35
CA ASP C 291 7.10 -20.22 -28.24
C ASP C 291 6.25 -19.01 -28.59
N ASN C 292 4.95 -19.17 -28.49
CA ASN C 292 4.07 -18.14 -28.99
C ASN C 292 2.83 -18.04 -28.13
N TRP C 293 2.74 -17.02 -27.29
CA TRP C 293 1.68 -17.01 -26.27
C TRP C 293 0.34 -16.80 -26.86
N TYR C 294 0.33 -15.90 -27.83
CA TYR C 294 -0.92 -15.61 -28.52
C TYR C 294 -1.47 -16.86 -29.22
N VAL C 295 -0.62 -17.57 -30.00
CA VAL C 295 -0.99 -18.85 -30.65
C VAL C 295 -1.39 -19.94 -29.62
N TRP C 296 -0.56 -20.14 -28.61
CA TRP C 296 -0.88 -21.09 -27.54
C TRP C 296 -2.26 -20.77 -26.97
N GLY C 297 -2.53 -19.47 -26.74
CA GLY C 297 -3.82 -19.02 -26.21
C GLY C 297 -5.05 -19.42 -27.02
N GLN C 298 -4.98 -19.23 -28.35
CA GLN C 298 -6.10 -19.64 -29.21
C GLN C 298 -6.35 -21.14 -29.17
N ASN C 299 -5.26 -21.92 -29.09
CA ASN C 299 -5.31 -23.38 -29.24
C ASN C 299 -5.41 -24.19 -27.92
N HIS C 300 -4.28 -24.66 -27.36
CA HIS C 300 -4.29 -25.29 -26.00
C HIS C 300 -4.41 -24.24 -24.84
N1 LDA D . -18.74 -12.54 5.16
O1 LDA D . -19.16 -11.51 4.56
CM1 LDA D . -18.49 -12.09 6.51
CM2 LDA D . -19.79 -13.57 5.30
C1 LDA D . -17.55 -13.12 4.51
C2 LDA D . -17.53 -12.84 3.01
C3 LDA D . -16.17 -13.19 2.41
C4 LDA D . -15.84 -12.55 1.06
C5 LDA D . -14.42 -12.89 0.58
C6 LDA D . -14.15 -12.74 -0.92
C7 LDA D . -12.66 -12.62 -1.19
C8 LDA D . -12.32 -12.30 -2.66
C9 LDA D . -11.49 -11.03 -2.78
C10 LDA D . -10.67 -10.93 -4.08
MG BCL E . 2.80 0.36 -20.00
CHA BCL E . -0.09 2.27 -19.07
CHB BCL E . 3.42 -0.29 -16.67
CHC BCL E . 5.28 -1.88 -20.93
CHD BCL E . 1.78 0.67 -23.42
NA BCL E . 1.80 0.88 -18.13
C1A BCL E . 0.68 1.74 -17.91
C2A BCL E . 0.38 1.96 -16.49
C3A BCL E . 1.55 1.27 -15.82
C4A BCL E . 2.32 0.54 -16.88
CMA BCL E . 2.45 2.46 -15.49
CAA BCL E . -0.86 1.15 -16.19
CBA BCL E . -1.30 1.38 -14.75
CGA BCL E . -2.35 2.45 -14.71
O1A BCL E . -2.46 3.27 -15.58
O2A BCL E . -3.28 2.51 -13.62
NB BCL E . 4.15 -0.90 -18.96
C1B BCL E . 4.21 -0.96 -17.60
C2B BCL E . 5.28 -1.80 -17.25
C3B BCL E . 5.84 -2.21 -18.45
C4B BCL E . 5.09 -1.69 -19.54
CMB BCL E . 5.60 -1.98 -15.77
CAB BCL E . 6.96 -3.19 -18.68
OBB BCL E . 7.36 -3.44 -19.79
CBB BCL E . 7.40 -4.08 -17.55
NC BCL E . 3.40 -0.47 -21.84
C1C BCL E . 4.53 -1.35 -22.01
C2C BCL E . 4.77 -1.61 -23.50
C3C BCL E . 3.64 -0.87 -24.20
C4C BCL E . 2.89 -0.15 -23.15
CMC BCL E . 6.07 -1.01 -23.99
CAC BCL E . 2.59 -1.92 -24.57
CBC BCL E . 3.06 -2.77 -25.72
ND BCL E . 1.29 1.26 -21.07
C1D BCL E . 1.01 1.30 -22.42
C2D BCL E . -0.14 2.13 -22.59
C3D BCL E . -0.54 2.46 -21.32
C4D BCL E . 0.29 1.90 -20.45
CMD BCL E . -0.79 2.54 -23.88
CAD BCL E . -1.55 3.24 -20.57
OBD BCL E . -2.49 3.85 -21.07
CBD BCL E . -1.35 3.08 -19.10
CGD BCL E . -1.52 4.34 -18.36
O1D BCL E . -0.57 4.96 -17.93
O2D BCL E . -2.88 4.81 -18.21
CED BCL E . -3.12 5.94 -17.35
C1 BCL E . -4.46 3.35 -13.58
C2 BCL E . -5.63 2.57 -12.98
C3 BCL E . -6.83 2.43 -13.60
C4 BCL E . -7.09 3.05 -14.97
C5 BCL E . -7.90 1.62 -12.93
C6 BCL E . -9.19 2.43 -12.74
C7 BCL E . -10.44 1.62 -12.39
C8 BCL E . -11.37 2.17 -11.30
C9 BCL E . -11.56 3.69 -11.34
C10 BCL E . -12.70 1.43 -11.18
C11 BCL E . -12.87 0.07 -11.87
C12 BCL E . -13.79 -0.77 -11.00
C13 BCL E . -14.92 -1.65 -11.59
C14 BCL E . -14.92 -1.95 -13.09
C15 BCL E . -15.06 -2.88 -10.68
C16 BCL E . -15.76 -4.17 -11.11
C17 BCL E . -16.61 -4.72 -9.96
C18 BCL E . -15.98 -5.91 -9.20
C19 BCL E . -16.68 -6.13 -7.87
C20 BCL E . -14.48 -5.77 -8.96
MG BCL F . -7.08 -3.68 -17.34
CHA BCL F . -5.63 -6.89 -16.95
CHB BCL F . -9.87 -4.82 -15.40
CHC BCL F . -8.39 -0.56 -17.27
CHD BCL F . -4.13 -2.64 -18.84
NA BCL F . -7.68 -5.51 -16.31
C1A BCL F . -6.96 -6.75 -16.33
C2A BCL F . -7.67 -7.80 -15.60
C3A BCL F . -9.02 -7.20 -15.30
C4A BCL F . -8.91 -5.76 -15.67
CMA BCL F . -9.92 -7.91 -16.33
CAA BCL F . -6.99 -7.83 -14.16
CBA BCL F . -6.88 -6.48 -13.42
CGA BCL F . -6.66 -6.37 -11.92
O1A BCL F . -6.82 -7.32 -11.20
O2A BCL F . -6.26 -5.11 -11.28
NB BCL F . -8.84 -2.86 -16.46
C1B BCL F . -9.81 -3.47 -15.75
C2B BCL F . -10.82 -2.52 -15.48
C3B BCL F . -10.40 -1.31 -16.03
C4B BCL F . -9.14 -1.53 -16.59
CMB BCL F . -12.08 -2.98 -14.74
CAB BCL F . -11.04 0.06 -15.96
OBB BCL F . -10.36 1.07 -15.99
CBB BCL F . -12.50 0.26 -15.65
NC BCL F . -6.38 -2.00 -17.93
C1C BCL F . -7.12 -0.75 -17.84
C2C BCL F . -6.37 0.34 -18.51
C3C BCL F . -5.06 -0.28 -18.86
C4C BCL F . -5.15 -1.73 -18.55
CMC BCL F . -6.95 0.62 -19.93
CAC BCL F . -4.11 0.33 -17.84
CBC BCL F . -4.54 0.23 -16.37
ND BCL F . -5.28 -4.48 -17.80
C1D BCL F . -4.18 -3.96 -18.44
C2D BCL F . -3.24 -5.01 -18.60
C3D BCL F . -3.79 -6.14 -18.08
C4D BCL F . -4.96 -5.74 -17.55
CMD BCL F . -1.95 -4.93 -19.34
CAD BCL F . -3.56 -7.60 -17.83
OBD BCL F . -2.56 -8.34 -18.19
CBD BCL F . -4.75 -8.08 -17.07
CGD BCL F . -5.40 -9.25 -17.67
O1D BCL F . -5.11 -10.37 -17.27
O2D BCL F . -6.42 -9.11 -18.67
CED BCL F . -7.37 -10.17 -18.78
C1 BCL F . -6.12 -4.92 -9.84
C2 BCL F . -7.46 -5.09 -9.17
C3 BCL F . -7.83 -6.12 -8.37
C4 BCL F . -6.91 -7.27 -8.00
C5 BCL F . -9.25 -6.11 -7.86
C6 BCL F . -10.15 -6.99 -8.77
C7 BCL F . -10.90 -6.26 -9.91
C8 BCL F . -11.13 -7.07 -11.19
C9 BCL F . -11.23 -8.57 -10.96
C10 BCL F . -12.39 -6.57 -11.92
C11 BCL F . -12.65 -7.19 -13.31
C12 BCL F . -13.89 -6.50 -13.89
C13 BCL F . -14.34 -6.85 -15.31
C14 BCL F . -14.65 -8.33 -15.44
C15 BCL F . -15.57 -5.98 -15.66
C16 BCL F . -16.66 -5.98 -14.59
C17 BCL F . -18.08 -5.84 -15.12
C18 BCL F . -18.97 -6.00 -13.89
C19 BCL F . -19.70 -7.36 -13.86
C20 BCL F . -19.96 -4.88 -13.90
C1 U10 G . 8.75 -1.17 6.55
C2 U10 G . 8.07 -1.13 7.77
C3 U10 G . 8.66 -0.36 8.82
C4 U10 G . 9.87 0.29 8.61
C5 U10 G . 10.57 0.27 7.36
C6 U10 G . 9.95 -0.48 6.32
C1M U10 G . 8.17 -1.94 5.42
C3M U10 G . 7.09 0.41 10.47
C4M U10 G . 10.21 0.13 10.81
C7 U10 G . 10.57 -0.60 4.92
C8 U10 G . 9.88 0.07 3.77
C9 U10 G . 10.71 0.83 2.84
C10 U10 G . 10.89 0.35 1.44
C11 U10 G . 11.37 2.10 3.34
C12 U10 G . 12.80 1.84 3.80
C13 U10 G . 13.55 3.14 3.97
C14 U10 G . 14.28 3.77 2.85
C15 U10 G . 13.65 4.98 2.22
C16 U10 G . 15.60 3.16 2.35
C17 U10 G . 16.83 3.57 3.18
O2 U10 G . 6.99 -1.78 7.87
O3 U10 G . 8.26 -0.24 10.01
O4 U10 G . 10.28 0.89 9.60
O5 U10 G . 11.66 0.92 7.20
FE FE2 H . 0.09 -1.95 8.20
CL CL I . 25.53 -9.03 7.76
O1D BPH J . -13.86 -0.12 -2.78
CGD BPH J . -12.73 -0.02 -3.25
O2D BPH J . -11.85 -1.17 -3.12
CED BPH J . -12.30 -2.42 -2.61
CBD BPH J . -12.25 1.20 -4.00
CHA BPH J . -11.42 0.89 -5.22
C4D BPH J . -10.10 1.49 -5.05
C3D BPH J . -10.03 2.20 -3.89
CAD BPH J . -11.31 2.06 -3.18
OBD BPH J . -11.67 2.61 -2.08
C2D BPH J . -8.76 2.70 -3.78
CMD BPH J . -8.30 3.52 -2.60
C1D BPH J . -8.18 2.27 -4.98
ND BPH J . -8.95 1.54 -5.81
CHD BPH J . -6.80 2.50 -5.45
C4C BPH J . -6.26 1.99 -6.59
C3C BPH J . -4.85 2.26 -6.98
CAC BPH J . -4.27 3.66 -6.65
CBC BPH J . -4.98 4.87 -7.21
C2C BPH J . -4.89 1.86 -8.46
CMC BPH J . -3.59 1.18 -8.94
C1C BPH J . -6.18 1.05 -8.51
NC BPH J . -6.93 1.22 -7.49
CHC BPH J . -6.53 0.22 -9.63
C4B BPH J . -7.73 -0.63 -9.88
C3B BPH J . -7.87 -1.48 -10.97
CAB BPH J . -6.84 -1.72 -12.04
CBB BPH J . -7.32 -2.23 -13.38
OBB BPH J . -5.67 -1.50 -11.81
C2B BPH J . -9.11 -2.08 -10.87
CMB BPH J . -9.75 -3.08 -11.79
C1B BPH J . -9.65 -1.52 -9.72
NB BPH J . -8.82 -0.63 -9.09
CHB BPH J . -10.98 -1.91 -9.15
C4A BPH J . -11.51 -1.38 -7.99
C3A BPH J . -12.79 -1.84 -7.43
CMA BPH J . -12.56 -3.16 -6.69
C2A BPH J . -13.12 -0.71 -6.49
C1A BPH J . -11.79 -0.01 -6.36
NA BPH J . -10.97 -0.36 -7.26
CAA BPH J . -14.15 0.14 -7.21
CBA BPH J . -15.50 -0.54 -7.02
CGA BPH J . -16.61 0.30 -7.61
O1A BPH J . -16.42 1.41 -8.04
O2A BPH J . -17.95 -0.23 -7.66
C1 BPH J . -19.07 0.44 -8.27
C2 BPH J . -19.18 -0.17 -9.63
C3 BPH J . -19.52 -1.45 -9.86
C4 BPH J . -19.83 -2.43 -8.76
C5 BPH J . -19.62 -1.89 -11.29
C6 BPH J . -20.18 -0.82 -12.20
C7 BPH J . -19.40 -0.75 -13.49
C8 BPH J . -20.39 -0.70 -14.64
C9 BPH J . -20.98 0.70 -14.76
C10 BPH J . -19.88 -1.21 -15.98
C11 BPH J . -18.45 -1.69 -16.05
C12 BPH J . -17.70 -0.97 -17.17
C13 BPH J . -16.18 -1.11 -17.07
C14 BPH J . -15.58 0.21 -17.51
C15 BPH J . -15.75 -2.32 -17.93
C16 BPH J . -14.26 -2.49 -18.20
C17 BPH J . -14.03 -3.93 -18.67
C18 BPH J . -12.55 -4.30 -18.59
C19 BPH J . -11.65 -3.27 -19.24
C20 BPH J . -12.38 -5.65 -19.25
MG BCL K . 14.08 -2.90 -14.87
CHA BCL K . 12.93 0.42 -14.91
CHB BCL K . 16.47 -2.11 -12.47
CHC BCL K . 14.94 -6.26 -14.62
CHD BCL K . 11.54 -3.75 -17.13
NA BCL K . 14.63 -1.14 -13.84
C1A BCL K . 14.10 0.17 -14.02
C2A BCL K . 14.75 1.09 -13.08
C3A BCL K . 15.91 0.35 -12.48
C4A BCL K . 15.69 -1.05 -12.89
CMA BCL K . 17.09 0.91 -13.32
CAA BCL K . 13.76 1.27 -11.88
CBA BCL K . 13.51 0.02 -10.96
CGA BCL K . 12.79 0.24 -9.61
O1A BCL K . 11.86 1.02 -9.57
O2A BCL K . 13.14 -0.48 -8.35
NB BCL K . 15.46 -3.99 -13.76
C1B BCL K . 16.32 -3.46 -12.84
C2B BCL K . 17.13 -4.50 -12.35
C3B BCL K . 16.70 -5.64 -13.00
C4B BCL K . 15.63 -5.34 -13.85
CMB BCL K . 18.21 -4.16 -11.33
CAB BCL K . 17.14 -7.04 -12.78
OBB BCL K . 16.84 -7.98 -13.52
CBB BCL K . 17.79 -7.25 -11.43
NC BCL K . 13.33 -4.68 -15.73
C1C BCL K . 13.90 -5.97 -15.53
C2C BCL K . 13.20 -6.98 -16.37
C3C BCL K . 12.11 -6.22 -17.10
C4C BCL K . 12.29 -4.82 -16.67
CMC BCL K . 14.16 -7.47 -17.43
CAC BCL K . 10.71 -6.78 -16.76
CBC BCL K . 10.34 -6.53 -15.32
ND BCL K . 12.58 -1.99 -15.83
C1D BCL K . 11.66 -2.43 -16.73
C2D BCL K . 10.89 -1.31 -17.14
C3D BCL K . 11.35 -0.22 -16.44
C4D BCL K . 12.34 -0.67 -15.68
CMD BCL K . 9.78 -1.31 -18.17
CAD BCL K . 11.24 1.26 -16.29
OBD BCL K . 10.40 2.04 -16.86
CBD BCL K . 12.22 1.68 -15.25
CGD BCL K . 13.14 2.73 -15.68
O1D BCL K . 13.06 3.84 -15.18
O2D BCL K . 14.16 2.40 -16.66
CED BCL K . 15.14 3.40 -16.94
C1 BCL K . 12.82 -0.17 -6.97
C2 BCL K . 13.96 0.15 -5.97
MG BCL L . 5.31 -6.74 -18.76
CHA BCL L . 7.38 -8.48 -16.59
CHB BCL L . 3.53 -5.38 -15.99
CHC BCL L . 3.47 -4.64 -20.81
CHD BCL L . 7.37 -7.63 -21.50
NA BCL L . 5.42 -6.87 -16.54
C1A BCL L . 6.32 -7.73 -15.84
C2A BCL L . 6.05 -7.73 -14.38
C3A BCL L . 4.88 -6.72 -14.24
C4A BCL L . 4.56 -6.28 -15.64
CMA BCL L . 3.66 -7.36 -13.63
CAA BCL L . 7.25 -7.31 -13.55
CBA BCL L . 7.06 -7.61 -12.05
CGA BCL L . 8.18 -6.97 -11.32
O1A BCL L . 8.02 -6.57 -10.17
O2A BCL L . 9.50 -6.79 -11.91
NB BCL L . 3.71 -5.23 -18.47
C1B BCL L . 3.16 -4.89 -17.26
C2B BCL L . 2.12 -3.95 -17.52
C3B BCL L . 2.11 -3.76 -18.87
C4B BCL L . 3.13 -4.53 -19.46
CMB BCL L . 1.29 -3.40 -16.38
CAB BCL L . 1.20 -2.80 -19.60
OBB BCL L . 0.40 -2.03 -19.00
CBB BCL L . 1.45 -2.68 -21.04
NC BCL L . 5.42 -6.24 -20.76
C1C BCL L . 4.47 -5.38 -21.40
C2C BCL L . 4.70 -5.42 -22.87
C3C BCL L . 5.95 -6.21 -23.09
C4C BCL L . 6.31 -6.78 -21.75
CMC BCL L . 3.67 -6.47 -23.28
CAC BCL L . 6.97 -5.11 -23.32
CBC BCL L . 6.90 -4.60 -24.73
ND BCL L . 6.93 -7.75 -19.05
C1D BCL L . 7.63 -8.10 -20.20
C2D BCL L . 8.67 -9.00 -19.83
C3D BCL L . 8.55 -9.17 -18.46
C4D BCL L . 7.55 -8.38 -18.05
CMD BCL L . 9.66 -9.65 -20.78
CAD BCL L . 9.16 -9.79 -17.24
OBD BCL L . 10.15 -10.59 -17.19
CBD BCL L . 8.36 -9.45 -16.03
CGD BCL L . 7.56 -10.72 -15.78
O1D BCL L . 7.44 -11.28 -14.71
O2D BCL L . 6.83 -11.35 -16.86
CED BCL L . 5.88 -12.39 -16.76
C1 BCL L . 10.51 -6.09 -11.15
C2 BCL L . 11.25 -7.01 -10.18
C3 BCL L . 12.34 -7.77 -10.50
C4 BCL L . 12.96 -7.82 -11.88
C5 BCL L . 12.98 -8.57 -9.42
C6 BCL L . 14.35 -7.99 -9.05
C7 BCL L . 14.95 -8.89 -7.97
C8 BCL L . 16.25 -8.49 -7.26
C9 BCL L . 17.08 -9.75 -7.02
C10 BCL L . 17.10 -7.38 -7.90
C11 BCL L . 18.33 -6.97 -7.09
C12 BCL L . 18.81 -5.58 -7.54
C13 BCL L . 20.16 -5.09 -6.96
C14 BCL L . 21.26 -6.15 -7.07
C15 BCL L . 20.64 -3.80 -7.62
C16 BCL L . 20.25 -2.46 -6.98
C17 BCL L . 20.67 -1.22 -7.84
C18 BCL L . 20.04 -0.94 -9.27
C19 BCL L . 20.93 -0.03 -10.15
C20 BCL L . 18.61 -0.34 -9.26
O1D BPH M . 16.83 -5.81 1.60
CGD BPH M . 15.78 -5.76 0.93
O2D BPH M . 14.91 -4.61 1.05
CED BPH M . 15.28 -3.33 1.57
CBD BPH M . 15.41 -6.91 0.02
CHA BPH M . 15.01 -6.50 -1.38
C4D BPH M . 13.62 -6.98 -1.63
C3D BPH M . 13.11 -7.58 -0.54
CAD BPH M . 14.17 -7.60 0.52
OBD BPH M . 14.09 -8.11 1.69
C2D BPH M . 11.82 -8.00 -0.79
CMD BPH M . 10.96 -8.72 0.25
C1D BPH M . 11.63 -7.58 -2.14
ND BPH M . 12.72 -6.93 -2.69
CHD BPH M . 10.39 -7.65 -2.94
C4C BPH M . 10.25 -7.16 -4.20
C3C BPH M . 8.94 -7.17 -4.98
CAC BPH M . 8.15 -8.49 -5.15
CBC BPH M . 8.54 -9.59 -4.19
C2C BPH M . 9.40 -6.68 -6.34
CMC BPH M . 8.55 -5.62 -7.05
C1C BPH M . 10.82 -6.21 -6.07
NC BPH M . 11.24 -6.57 -4.92
CHC BPH M . 11.56 -5.51 -7.09
C4B BPH M . 12.91 -4.90 -7.00
C3B BPH M . 13.53 -4.21 -8.04
CAB BPH M . 12.88 -3.96 -9.38
CBB BPH M . 13.71 -3.89 -10.62
OBB BPH M . 11.66 -3.82 -9.45
C2B BPH M . 14.78 -3.79 -7.60
CMB BPH M . 15.85 -2.97 -8.31
C1B BPH M . 14.83 -4.29 -6.27
NB BPH M . 13.69 -4.97 -5.87
CHB BPH M . 15.98 -4.03 -5.35
C4A BPH M . 16.18 -4.55 -4.13
C3A BPH M . 17.30 -4.14 -3.27
CMA BPH M . 16.93 -2.74 -2.78
C2A BPH M . 17.18 -5.16 -2.15
C1A BPH M . 15.82 -5.75 -2.39
NA BPH M . 15.40 -5.47 -3.54
CAA BPH M . 18.23 -6.25 -2.31
CBA BPH M . 19.60 -5.73 -1.99
CGA BPH M . 20.71 -6.59 -2.58
O1A BPH M . 20.58 -7.68 -3.09
O2A BPH M . 22.04 -6.07 -2.49
C1 BPH M . 23.17 -6.66 -3.13
C2 BPH M . 24.01 -5.54 -3.69
C3 BPH M . 24.69 -4.62 -3.00
C4 BPH M . 24.75 -4.60 -1.49
C5 BPH M . 25.39 -3.62 -3.90
C6 BPH M . 25.89 -2.33 -3.21
C7 BPH M . 25.59 -1.09 -4.05
C8 BPH M . 25.98 -1.18 -5.53
C9 BPH M . 24.87 -0.61 -6.43
C10 BPH M . 27.36 -0.54 -5.72
C11 BPH M . 27.38 1.01 -5.90
C12 BPH M . 28.38 1.80 -5.02
C13 BPH M . 28.77 3.18 -5.57
C14 BPH M . 30.16 3.57 -5.04
C15 BPH M . 27.73 4.29 -5.30
C16 BPH M . 26.26 3.86 -5.40
C17 BPH M . 25.43 4.61 -6.46
C18 BPH M . 24.76 3.69 -7.49
C19 BPH M . 24.52 4.45 -8.79
C20 BPH M . 23.45 3.08 -7.01
C1 U10 N . -7.88 -2.73 4.81
C2 U10 N . -7.31 -2.26 6.05
C3 U10 N . -7.86 -2.61 7.31
C4 U10 N . -9.00 -3.46 7.30
C5 U10 N . -9.56 -3.91 6.05
C6 U10 N . -9.00 -3.55 4.81
C1M U10 N . -7.26 -2.29 3.51
C3M U10 N . -6.19 -2.57 9.01
C4M U10 N . -8.88 -4.02 9.63
C7 U10 N . -9.66 -4.07 3.53
C8 U10 N . -8.81 -5.05 2.73
C9 U10 N . -9.16 -6.45 2.55
C10 U10 N . -10.36 -7.06 3.18
C11 U10 N . -8.28 -7.35 1.74
C12 U10 N . -8.98 -7.88 0.48
C13 U10 N . -9.14 -6.74 -0.47
C14 U10 N . -8.57 -6.67 -1.81
C15 U10 N . -7.60 -7.69 -2.30
C16 U10 N . -9.05 -5.54 -2.66
C17 U10 N . -9.98 -6.08 -3.74
C18 U10 N . -11.39 -6.11 -3.27
C19 U10 N . -12.39 -6.80 -4.11
C20 U10 N . -11.99 -7.47 -5.39
C21 U10 N . -13.81 -6.87 -3.67
C22 U10 N . -14.65 -5.90 -4.49
C23 U10 N . -16.02 -5.86 -3.89
C24 U10 N . -17.03 -4.88 -4.27
C25 U10 N . -16.62 -3.68 -5.07
C26 U10 N . -18.46 -5.15 -3.85
C27 U10 N . -19.48 -5.15 -4.99
C28 U10 N . -20.74 -5.83 -4.54
C29 U10 N . -21.98 -5.06 -4.21
C30 U10 N . -23.23 -5.82 -3.81
C31 U10 N . -22.01 -3.53 -4.28
C32 U10 N . -22.82 -2.88 -3.13
C33 U10 N . -23.80 -1.83 -3.66
C34 U10 N . -24.45 -0.84 -2.77
C35 U10 N . -23.82 0.50 -2.76
C36 U10 N . -25.66 -1.02 -1.87
C37 U10 N . -26.74 -2.06 -2.26
C38 U10 N . -28.11 -1.43 -2.40
O2 U10 N . -6.33 -1.50 6.06
O3 U10 N . -7.39 -2.17 8.40
O4 U10 N . -9.54 -3.81 8.38
O5 U10 N . -10.56 -4.62 6.07
OA2 CDL O . 4.67 -17.71 10.53
PA1 CDL O . 3.17 -17.37 10.15
OA3 CDL O . 2.29 -17.52 11.28
OA4 CDL O . 3.00 -16.16 9.31
OA5 CDL O . 2.76 -18.54 9.24
OB2 CDL O . 7.56 -19.48 9.82
PB2 CDL O . 8.94 -18.70 9.95
OB3 CDL O . 8.77 -17.44 10.70
OB4 CDL O . 10.01 -19.62 10.47
OB5 CDL O . 9.18 -18.32 8.38
#